data_6LTU
#
_entry.id   6LTU
#
_cell.length_a   94.329
_cell.length_b   123.575
_cell.length_c   281.218
_cell.angle_alpha   90.000
_cell.angle_beta   90.000
_cell.angle_gamma   90.000
#
_symmetry.space_group_name_H-M   'C 2 2 21'
#
loop_
_entity.id
_entity.type
_entity.pdbx_description
1 polymer Cas12i2
2 polymer 'RNA (56-mer)'
3 polymer "DNA (5'-D(*GP*CP*CP*GP*CP*TP*TP*TP*CP*TP*T)-3')"
4 polymer 'DNA (35-MER)'
5 polymer 'trans ssDNA'
6 non-polymer 'MAGNESIUM ION'
7 non-polymer 1,2-ETHANEDIOL
8 water water
#
loop_
_entity_poly.entity_id
_entity_poly.type
_entity_poly.pdbx_seq_one_letter_code
_entity_poly.pdbx_strand_id
1 'polypeptide(L)'
;SMSSAIKSYKSVLRPNERKNQLLKSTIQCLEDGSAFFFKMLQGLFGGITPEIVRFSTEQEKQQQDIALWCAVNWFRPVSQ
DSLTHTIASDNLVEKFEEYYGGTASDAIKQYFSASIGESYYWNDCRQQYYDLCRELGVEVSDLTHDLEILCREKCLAVAT
ESNQNNSIISVLFGTGEKEDRSVKLRITKKILEAISNLKEIPKNVAPIQEIILNVAKATKETFRQVYAGNLGAPSTLEKF
IAKDGQKEFDLKKLQTDLKKVIRGKSKERDWCCQEELRSYVEQNTIQYDLWAWGEMFNKAHTALKIKSTRNYNFAKQRLE
QFKEIQSLNNLLVVKKLNDFFDSEFFSGEETYTICVHHLGGKDLSKLYKAWEDDPADPENAIVVLCDDLKNNFKKEPIRN
ILRYIFTIRQECSAQDILAAAKYNQQLDRYKSQKANPSVLGNQGFTWTNAVILPEKAQRNDRPNSLDLRIWLYLKLRHPD
GRWKKHHIPFYDTRFFQEIYAAGNSPVDTCQFRTPRFGYHLPKLTDQTAIRVNKKHVKAAKTEARIRLAIQQGTLPVSNL
KITEISATINSKGQVRIPVKFDVGRQKGTLQIGDRFCGYDQNQTASHAYSLWEVVKEGQYHKELGCFVRFISSGDIVSIT
ENRGNQFDQLSYEGLAYPQYADWRKKASKFVSLWQITKKNKKKEIVTVEAKEKFDAICKYQPRLYKFNKEYAYLLRDIVR
GKSLVELQQIRQEIFRFIEQDCGVTRLGSLSLSTLETVKAVKGIIYSYFSTALNASKNNPISDEQRKEFDPELFALLEKL
ELIRTRKKKQKVERIANSLIQTCLENNIKFIRGEGDLSTTNNATKKKANSRSMDWLARGVFNKIRQLAPMHNITLFGCGS
LYTSHQDPLVHRNPDKAMKCRWAAIPVKDIGDWVLRKLSQNLRAKNIGTGEYYHQGVKEFLSHYELQDLEEELLKWRSDR
KSNIPCWVLQNRLAEKLGNKEAVVYIPVRGGRIYFATHKVATGAVSIVFDQKQVWVCNADHVAAANIALTVKGIGEQSSD
EENPDGSRIKLQLTS
;
A
2 'polyribonucleotide' GGAGAAAUCCGUCUUUCAUUGACGGAACAGAGCAAGCAGGGUGACAUUAUUUAAUCUU B
3 'polydeoxyribonucleotide' (DG)(DC)(DC)(DG)(DC)(DT)(DT)(DT)(DC)(DT)(DT)(DT) D
4 'polydeoxyribonucleotide'
;(DA)(DA)(DT)(DA)(DA)(DT)(DG)(DT)(DC)(DA)(DC)(DC)(DC)(DT)(DG)(DC)(DT)(DT)(DG)(DC)
(DT)(DC)(DT)(DG)(DT)(DT)(DG)(DA)(DA)(DA)(DG)(DC)(DG)(DG)(DC)
;
C
5 'polydeoxyribonucleotide' (DA)(DC)(DC)(DT)(DA) E
#
loop_
_chem_comp.id
_chem_comp.type
_chem_comp.name
_chem_comp.formula
A RNA linking ADENOSINE-5'-MONOPHOSPHATE 'C10 H14 N5 O7 P'
C RNA linking CYTIDINE-5'-MONOPHOSPHATE 'C9 H14 N3 O8 P'
DA DNA linking 2'-DEOXYADENOSINE-5'-MONOPHOSPHATE 'C10 H14 N5 O6 P'
DC DNA linking 2'-DEOXYCYTIDINE-5'-MONOPHOSPHATE 'C9 H14 N3 O7 P'
DG DNA linking 2'-DEOXYGUANOSINE-5'-MONOPHOSPHATE 'C10 H14 N5 O7 P'
DT DNA linking THYMIDINE-5'-MONOPHOSPHATE 'C10 H15 N2 O8 P'
EDO non-polymer 1,2-ETHANEDIOL 'C2 H6 O2'
G RNA linking GUANOSINE-5'-MONOPHOSPHATE 'C10 H14 N5 O8 P'
MG non-polymer 'MAGNESIUM ION' 'Mg 2'
U RNA linking URIDINE-5'-MONOPHOSPHATE 'C9 H13 N2 O9 P'
#
# COMPACT_ATOMS: atom_id res chain seq x y z
N SER A 1 5.99 -12.25 -24.50
CA SER A 1 7.33 -11.81 -24.13
C SER A 1 7.72 -12.38 -22.77
N MET A 2 8.99 -12.22 -22.40
CA MET A 2 9.52 -12.75 -21.16
C MET A 2 9.37 -11.72 -20.05
N SER A 3 8.62 -12.08 -19.01
CA SER A 3 8.45 -11.20 -17.86
C SER A 3 9.62 -11.38 -16.88
N SER A 4 9.83 -10.37 -16.05
CA SER A 4 10.91 -10.40 -15.07
C SER A 4 10.47 -9.69 -13.79
N ALA A 5 11.17 -9.99 -12.71
CA ALA A 5 10.94 -9.37 -11.41
C ALA A 5 12.27 -9.06 -10.76
N ILE A 6 12.22 -8.45 -9.58
CA ILE A 6 13.41 -8.02 -8.85
C ILE A 6 13.31 -8.46 -7.40
N LYS A 7 14.33 -9.17 -6.93
CA LYS A 7 14.55 -9.39 -5.51
C LYS A 7 15.74 -8.54 -5.07
N SER A 8 15.88 -8.35 -3.76
CA SER A 8 16.98 -7.52 -3.28
C SER A 8 17.38 -7.92 -1.87
N TYR A 9 18.57 -7.45 -1.49
CA TYR A 9 19.20 -7.76 -0.23
C TYR A 9 19.76 -6.47 0.34
N LYS A 10 19.68 -6.32 1.67
CA LYS A 10 20.12 -5.11 2.36
C LYS A 10 21.01 -5.41 3.57
N SER A 11 22.18 -4.77 3.60
CA SER A 11 23.09 -4.98 4.71
C SER A 11 23.84 -3.68 4.97
N VAL A 12 24.92 -3.76 5.73
CA VAL A 12 25.78 -2.63 6.05
C VAL A 12 27.22 -3.01 5.72
N LEU A 13 27.95 -2.09 5.11
CA LEU A 13 29.34 -2.37 4.72
C LEU A 13 30.25 -2.27 5.93
N ARG A 14 31.36 -3.01 5.87
CA ARG A 14 32.33 -3.08 6.96
C ARG A 14 33.74 -2.80 6.45
N PRO A 15 33.99 -1.58 5.96
CA PRO A 15 35.34 -1.25 5.50
C PRO A 15 36.25 -0.91 6.68
N ASN A 16 37.55 -1.08 6.45
CA ASN A 16 38.49 -0.64 7.46
C ASN A 16 38.59 0.89 7.42
N GLU A 17 39.31 1.43 8.40
CA GLU A 17 39.34 2.88 8.62
C GLU A 17 39.69 3.64 7.33
N ARG A 18 40.77 3.23 6.67
CA ARG A 18 41.24 3.92 5.47
C ARG A 18 40.19 3.87 4.36
N LYS A 19 39.66 2.68 4.07
CA LYS A 19 38.64 2.57 3.03
C LYS A 19 37.33 3.23 3.46
N ASN A 20 37.03 3.24 4.76
CA ASN A 20 35.85 3.96 5.22
C ASN A 20 35.99 5.46 4.94
N GLN A 21 37.18 6.02 5.16
CA GLN A 21 37.41 7.41 4.82
C GLN A 21 37.22 7.65 3.34
N LEU A 22 37.79 6.77 2.50
CA LEU A 22 37.63 6.96 1.06
C LEU A 22 36.17 6.88 0.65
N LEU A 23 35.41 5.97 1.26
CA LEU A 23 34.00 5.82 0.91
C LEU A 23 33.18 7.03 1.35
N LYS A 24 33.50 7.53 2.53
CA LYS A 24 32.86 8.70 3.08
C LYS A 24 33.10 9.90 2.14
N SER A 25 34.35 10.09 1.71
CA SER A 25 34.68 11.21 0.83
C SER A 25 34.02 11.05 -0.55
N THR A 26 33.98 9.83 -1.08
CA THR A 26 33.36 9.60 -2.38
C THR A 26 31.87 9.91 -2.33
N ILE A 27 31.18 9.46 -1.26
CA ILE A 27 29.75 9.72 -1.16
C ILE A 27 29.47 11.21 -0.93
N GLN A 28 30.30 11.89 -0.14
CA GLN A 28 30.15 13.33 0.03
C GLN A 28 30.33 14.06 -1.29
N CYS A 29 31.34 13.66 -2.07
CA CYS A 29 31.56 14.21 -3.40
C CYS A 29 30.34 14.02 -4.28
N LEU A 30 29.84 12.79 -4.36
CA LEU A 30 28.67 12.51 -5.17
C LEU A 30 27.46 13.31 -4.71
N GLU A 31 27.32 13.47 -3.39
CA GLU A 31 26.18 14.20 -2.82
C GLU A 31 26.25 15.69 -3.15
N ASP A 32 27.45 16.28 -3.05
CA ASP A 32 27.59 17.70 -3.36
C ASP A 32 27.39 17.96 -4.84
N GLY A 33 27.91 17.08 -5.71
CA GLY A 33 27.59 17.19 -7.11
C GLY A 33 26.11 16.98 -7.39
N SER A 34 25.44 16.16 -6.58
CA SER A 34 24.01 15.97 -6.71
C SER A 34 23.25 17.25 -6.39
N ALA A 35 23.64 17.94 -5.32
CA ALA A 35 23.01 19.22 -5.00
C ALA A 35 23.26 20.23 -6.11
N PHE A 36 24.47 20.22 -6.67
CA PHE A 36 24.76 21.14 -7.77
C PHE A 36 23.87 20.87 -8.98
N PHE A 37 23.80 19.61 -9.43
CA PHE A 37 22.88 19.34 -10.53
C PHE A 37 21.45 19.64 -10.17
N PHE A 38 21.06 19.48 -8.90
CA PHE A 38 19.69 19.79 -8.54
C PHE A 38 19.39 21.25 -8.82
N LYS A 39 20.26 22.14 -8.37
CA LYS A 39 20.00 23.56 -8.60
C LYS A 39 20.12 23.92 -10.08
N MET A 40 21.15 23.38 -10.76
CA MET A 40 21.33 23.69 -12.18
C MET A 40 20.15 23.19 -13.02
N LEU A 41 19.66 21.98 -12.73
CA LEU A 41 18.55 21.43 -13.49
C LEU A 41 17.25 22.13 -13.15
N GLN A 42 17.10 22.59 -11.90
CA GLN A 42 15.95 23.45 -11.59
C GLN A 42 15.98 24.69 -12.48
N GLY A 43 17.16 25.29 -12.63
CA GLY A 43 17.28 26.43 -13.54
C GLY A 43 16.98 26.08 -14.98
N LEU A 44 17.55 24.96 -15.46
CA LEU A 44 17.37 24.59 -16.87
C LEU A 44 15.92 24.24 -17.19
N PHE A 45 15.24 23.56 -16.27
CA PHE A 45 13.83 23.28 -16.46
C PHE A 45 13.00 24.55 -16.37
N GLY A 46 13.48 25.56 -15.63
CA GLY A 46 12.87 26.87 -15.74
C GLY A 46 12.92 27.46 -17.13
N GLY A 47 13.83 26.99 -17.97
CA GLY A 47 14.02 27.52 -19.31
C GLY A 47 13.25 26.86 -20.43
N ILE A 48 12.44 25.83 -20.16
CA ILE A 48 11.76 25.17 -21.27
C ILE A 48 10.66 26.08 -21.81
N THR A 49 10.24 25.79 -23.04
CA THR A 49 9.32 26.62 -23.81
C THR A 49 8.05 25.84 -24.09
N PRO A 50 6.95 26.55 -24.38
CA PRO A 50 5.71 25.85 -24.77
C PRO A 50 5.90 24.93 -25.96
N GLU A 51 6.85 25.25 -26.84
CA GLU A 51 7.01 24.51 -28.08
C GLU A 51 7.89 23.27 -27.88
N ILE A 52 8.84 23.31 -26.95
CA ILE A 52 9.51 22.09 -26.50
C ILE A 52 8.48 21.11 -25.94
N VAL A 53 7.62 21.59 -25.05
CA VAL A 53 6.60 20.75 -24.43
C VAL A 53 5.66 20.20 -25.49
N ARG A 54 5.25 21.06 -26.44
CA ARG A 54 4.39 20.63 -27.52
C ARG A 54 5.02 19.51 -28.34
N PHE A 55 6.32 19.64 -28.65
CA PHE A 55 6.98 18.61 -29.44
C PHE A 55 7.12 17.31 -28.64
N SER A 56 7.39 17.40 -27.35
CA SER A 56 7.60 16.18 -26.56
C SER A 56 6.31 15.42 -26.29
N THR A 57 5.16 16.09 -26.31
CA THR A 57 3.88 15.49 -25.96
C THR A 57 3.01 15.25 -27.17
N GLU A 58 3.60 15.14 -28.34
CA GLU A 58 2.85 15.51 -29.54
C GLU A 58 2.05 14.30 -30.02
N GLN A 59 2.64 13.12 -29.86
CA GLN A 59 2.10 11.82 -30.17
C GLN A 59 1.31 11.23 -29.00
N GLU A 60 1.19 11.96 -27.90
CA GLU A 60 0.34 11.52 -26.80
C GLU A 60 -1.11 11.46 -27.26
N LYS A 61 -1.83 10.46 -26.78
CA LYS A 61 -3.20 10.23 -27.22
C LYS A 61 -4.18 11.18 -26.54
N GLN A 62 -4.05 11.35 -25.22
CA GLN A 62 -4.75 12.45 -24.56
C GLN A 62 -3.91 13.72 -24.65
N GLN A 63 -4.57 14.82 -25.00
CA GLN A 63 -3.88 16.09 -25.16
C GLN A 63 -3.41 16.61 -23.81
N GLN A 64 -2.17 17.09 -23.75
CA GLN A 64 -1.57 17.58 -22.52
C GLN A 64 -1.80 19.07 -22.38
N ASP A 65 -1.99 19.50 -21.14
CA ASP A 65 -2.02 20.92 -20.82
C ASP A 65 -0.61 21.50 -20.89
N ILE A 66 -0.23 22.03 -22.05
CA ILE A 66 1.12 22.54 -22.27
C ILE A 66 1.41 23.71 -21.34
N ALA A 67 0.43 24.60 -21.15
CA ALA A 67 0.62 25.72 -20.23
C ALA A 67 0.88 25.22 -18.82
N LEU A 68 0.18 24.17 -18.40
CA LEU A 68 0.36 23.67 -17.03
C LEU A 68 1.71 22.98 -16.86
N TRP A 69 2.18 22.27 -17.89
CA TRP A 69 3.51 21.68 -17.84
C TRP A 69 4.57 22.78 -17.76
N CYS A 70 4.43 23.80 -18.59
CA CYS A 70 5.30 24.97 -18.50
C CYS A 70 5.30 25.54 -17.09
N ALA A 71 4.10 25.67 -16.50
CA ALA A 71 3.98 26.28 -15.17
C ALA A 71 4.70 25.44 -14.12
N VAL A 72 4.43 24.13 -14.10
CA VAL A 72 5.04 23.29 -13.08
C VAL A 72 6.56 23.19 -13.27
N ASN A 73 7.08 23.55 -14.44
CA ASN A 73 8.53 23.65 -14.55
C ASN A 73 9.08 25.06 -14.30
N TRP A 74 8.25 26.10 -14.42
CA TRP A 74 8.70 27.47 -14.30
C TRP A 74 8.70 27.96 -12.85
N PHE A 75 7.70 27.55 -12.07
CA PHE A 75 7.59 27.95 -10.68
C PHE A 75 7.49 26.70 -9.82
N ARG A 76 8.41 26.57 -8.86
CA ARG A 76 8.33 25.43 -7.96
C ARG A 76 8.34 25.91 -6.51
N PRO A 77 7.50 25.35 -5.65
CA PRO A 77 7.77 25.43 -4.22
C PRO A 77 9.03 24.64 -3.94
N VAL A 78 10.00 25.25 -3.26
CA VAL A 78 11.28 24.61 -3.02
C VAL A 78 11.74 24.90 -1.59
N SER A 79 12.80 24.22 -1.21
CA SER A 79 13.49 24.40 0.06
C SER A 79 14.47 25.57 -0.02
N GLN A 80 14.97 25.96 1.15
CA GLN A 80 15.95 27.05 1.22
C GLN A 80 17.24 26.70 0.50
N ASP A 81 17.57 25.41 0.40
CA ASP A 81 18.82 24.99 -0.23
C ASP A 81 18.84 25.21 -1.74
N SER A 82 17.67 25.30 -2.38
CA SER A 82 17.61 25.56 -3.82
C SER A 82 16.87 26.85 -4.15
N LEU A 83 16.46 27.62 -3.15
CA LEU A 83 15.80 28.89 -3.40
C LEU A 83 16.78 29.88 -3.99
N THR A 84 16.52 30.34 -5.20
CA THR A 84 17.40 31.25 -5.91
C THR A 84 16.74 32.56 -6.27
N HIS A 85 15.45 32.55 -6.57
CA HIS A 85 14.70 33.75 -6.95
C HIS A 85 13.32 33.63 -6.32
N THR A 86 13.18 34.18 -5.11
CA THR A 86 11.91 34.12 -4.40
C THR A 86 10.86 34.92 -5.15
N ILE A 87 9.66 34.37 -5.22
CA ILE A 87 8.51 35.07 -5.80
C ILE A 87 7.35 34.98 -4.84
N ALA A 88 6.73 36.11 -4.55
CA ALA A 88 5.50 36.11 -3.78
C ALA A 88 4.40 35.43 -4.59
N SER A 89 3.58 34.63 -3.91
CA SER A 89 2.50 33.94 -4.62
C SER A 89 1.58 34.94 -5.31
N ASP A 90 1.38 36.11 -4.70
CA ASP A 90 0.65 37.22 -5.32
C ASP A 90 1.00 37.40 -6.79
N ASN A 91 2.29 37.41 -7.11
CA ASN A 91 2.75 37.73 -8.44
C ASN A 91 2.81 36.52 -9.36
N LEU A 92 2.62 35.31 -8.83
CA LEU A 92 2.80 34.10 -9.64
C LEU A 92 2.07 34.21 -10.97
N VAL A 93 0.74 34.31 -10.91
CA VAL A 93 -0.07 34.46 -12.11
C VAL A 93 0.53 35.48 -13.04
N GLU A 94 0.75 36.71 -12.54
CA GLU A 94 1.25 37.78 -13.40
C GLU A 94 2.52 37.33 -14.10
N LYS A 95 3.49 36.85 -13.31
CA LYS A 95 4.77 36.50 -13.92
C LYS A 95 4.59 35.38 -14.92
N PHE A 96 3.75 34.39 -14.59
CA PHE A 96 3.50 33.32 -15.55
C PHE A 96 3.01 33.88 -16.86
N GLU A 97 2.03 34.79 -16.80
CA GLU A 97 1.49 35.34 -18.03
C GLU A 97 2.58 36.07 -18.80
N GLU A 98 3.44 36.80 -18.09
CA GLU A 98 4.55 37.46 -18.77
C GLU A 98 5.40 36.45 -19.53
N TYR A 99 5.67 35.29 -18.92
CA TYR A 99 6.44 34.28 -19.62
C TYR A 99 5.63 33.57 -20.69
N TYR A 100 4.31 33.41 -20.49
CA TYR A 100 3.58 32.51 -21.36
C TYR A 100 3.00 33.19 -22.59
N GLY A 101 2.85 34.51 -22.57
CA GLY A 101 2.23 35.22 -23.67
C GLY A 101 0.72 35.23 -23.66
N GLY A 102 0.08 34.88 -22.54
CA GLY A 102 -1.36 34.86 -22.50
C GLY A 102 -1.87 34.62 -21.10
N THR A 103 -3.20 34.66 -20.97
CA THR A 103 -3.86 34.50 -19.69
C THR A 103 -3.56 33.14 -19.08
N ALA A 104 -3.35 33.13 -17.76
CA ALA A 104 -3.09 31.89 -17.04
C ALA A 104 -4.36 31.04 -16.98
N SER A 105 -4.21 29.75 -17.27
CA SER A 105 -5.33 28.82 -17.23
C SER A 105 -5.80 28.58 -15.79
N ASP A 106 -7.01 28.04 -15.67
CA ASP A 106 -7.60 27.84 -14.35
C ASP A 106 -6.85 26.79 -13.54
N ALA A 107 -6.38 25.72 -14.20
CA ALA A 107 -5.57 24.73 -13.51
C ALA A 107 -4.29 25.35 -12.95
N ILE A 108 -3.67 26.25 -13.73
CA ILE A 108 -2.48 26.95 -13.26
C ILE A 108 -2.83 27.86 -12.08
N LYS A 109 -4.02 28.48 -12.12
CA LYS A 109 -4.48 29.26 -10.99
C LYS A 109 -4.58 28.40 -9.73
N GLN A 110 -5.11 27.19 -9.87
CA GLN A 110 -5.22 26.29 -8.72
C GLN A 110 -3.84 25.88 -8.22
N TYR A 111 -2.90 25.63 -9.13
CA TYR A 111 -1.54 25.29 -8.72
C TYR A 111 -0.91 26.42 -7.93
N PHE A 112 -1.09 27.67 -8.38
CA PHE A 112 -0.47 28.79 -7.69
C PHE A 112 -1.16 29.08 -6.35
N SER A 113 -2.48 28.91 -6.28
CA SER A 113 -3.21 29.27 -5.07
C SER A 113 -3.10 28.23 -3.96
N ALA A 114 -2.49 27.08 -4.23
CA ALA A 114 -2.42 26.01 -3.25
C ALA A 114 -1.45 26.38 -2.12
N SER A 115 -1.70 25.78 -0.96
CA SER A 115 -0.87 26.01 0.21
C SER A 115 0.47 25.28 0.08
N ILE A 116 1.45 25.76 0.85
CA ILE A 116 2.74 25.09 0.98
C ILE A 116 3.15 25.10 2.45
N GLY A 117 3.92 24.10 2.85
CA GLY A 117 4.44 24.07 4.21
C GLY A 117 5.36 25.23 4.46
N GLU A 118 5.66 25.47 5.75
CA GLU A 118 6.23 26.76 6.10
C GLU A 118 7.69 26.88 5.67
N SER A 119 8.39 25.75 5.51
CA SER A 119 9.80 25.74 5.16
C SER A 119 10.01 25.80 3.65
N TYR A 120 8.95 25.93 2.89
CA TYR A 120 9.01 25.97 1.43
C TYR A 120 8.58 27.33 0.92
N TYR A 121 9.14 27.72 -0.22
CA TYR A 121 8.93 29.04 -0.79
C TYR A 121 8.82 28.89 -2.31
N TRP A 122 7.91 29.67 -2.90
CA TRP A 122 7.81 29.67 -4.35
C TRP A 122 9.08 30.24 -4.97
N ASN A 123 9.56 29.59 -6.02
CA ASN A 123 10.78 29.98 -6.71
C ASN A 123 10.50 30.09 -8.19
N ASP A 124 10.92 31.21 -8.78
CA ASP A 124 10.77 31.51 -10.20
C ASP A 124 11.97 30.90 -10.91
N CYS A 125 11.78 29.72 -11.50
CA CYS A 125 12.89 29.02 -12.12
C CYS A 125 13.22 29.54 -13.51
N ARG A 126 12.32 30.31 -14.13
CA ARG A 126 12.64 30.95 -15.41
C ARG A 126 13.60 32.13 -15.21
N GLN A 127 13.38 32.91 -14.16
CA GLN A 127 14.35 33.93 -13.78
C GLN A 127 15.70 33.30 -13.44
N GLN A 128 15.65 32.18 -12.71
CA GLN A 128 16.86 31.41 -12.45
C GLN A 128 17.54 30.99 -13.74
N TYR A 129 16.75 30.61 -14.75
CA TYR A 129 17.30 30.25 -16.05
C TYR A 129 18.01 31.42 -16.72
N TYR A 130 17.39 32.60 -16.67
CA TYR A 130 18.04 33.78 -17.24
C TYR A 130 19.36 34.08 -16.54
N ASP A 131 19.36 34.02 -15.21
CA ASP A 131 20.62 34.26 -14.48
C ASP A 131 21.65 33.16 -14.75
N LEU A 132 21.19 31.93 -14.98
CA LEU A 132 22.11 30.86 -15.37
C LEU A 132 22.73 31.14 -16.73
N CYS A 133 21.93 31.63 -17.67
CA CYS A 133 22.47 32.07 -18.96
C CYS A 133 23.54 33.12 -18.75
N ARG A 134 23.30 34.08 -17.87
CA ARG A 134 24.30 35.11 -17.58
C ARG A 134 25.57 34.51 -17.00
N GLU A 135 25.42 33.60 -16.04
CA GLU A 135 26.58 32.98 -15.41
C GLU A 135 27.39 32.19 -16.43
N LEU A 136 26.72 31.50 -17.35
CA LEU A 136 27.41 30.77 -18.40
C LEU A 136 28.01 31.68 -19.46
N GLY A 137 27.59 32.93 -19.51
CA GLY A 137 28.06 33.84 -20.55
C GLY A 137 27.58 33.48 -21.93
N VAL A 138 26.31 33.08 -22.06
CA VAL A 138 25.73 32.72 -23.36
C VAL A 138 24.41 33.46 -23.53
N GLU A 139 24.00 33.59 -24.79
CA GLU A 139 22.70 34.16 -25.10
C GLU A 139 21.59 33.20 -24.68
N VAL A 140 20.43 33.78 -24.32
CA VAL A 140 19.30 32.98 -23.88
C VAL A 140 18.82 32.06 -24.99
N SER A 141 18.76 32.57 -26.22
CA SER A 141 18.32 31.74 -27.33
C SER A 141 19.28 30.58 -27.60
N ASP A 142 20.58 30.78 -27.34
CA ASP A 142 21.56 29.71 -27.53
C ASP A 142 21.32 28.57 -26.54
N LEU A 143 21.20 28.89 -25.25
CA LEU A 143 20.95 27.85 -24.26
C LEU A 143 19.60 27.20 -24.46
N THR A 144 18.60 27.98 -24.91
CA THR A 144 17.29 27.39 -25.19
C THR A 144 17.37 26.44 -26.38
N HIS A 145 18.18 26.78 -27.38
CA HIS A 145 18.45 25.87 -28.51
C HIS A 145 19.07 24.57 -28.04
N ASP A 146 20.07 24.67 -27.15
CA ASP A 146 20.66 23.45 -26.59
C ASP A 146 19.65 22.66 -25.77
N LEU A 147 18.77 23.36 -25.05
CA LEU A 147 17.71 22.71 -24.28
C LEU A 147 16.76 21.96 -25.20
N GLU A 148 16.45 22.53 -26.37
CA GLU A 148 15.64 21.84 -27.36
C GLU A 148 16.30 20.57 -27.82
N ILE A 149 17.61 20.64 -28.12
CA ILE A 149 18.32 19.42 -28.51
C ILE A 149 18.25 18.38 -27.38
N LEU A 150 18.48 18.82 -26.13
CA LEU A 150 18.48 17.90 -25.00
C LEU A 150 17.14 17.22 -24.84
N CYS A 151 16.05 17.97 -24.98
CA CYS A 151 14.72 17.40 -24.80
C CYS A 151 14.34 16.52 -25.98
N ARG A 152 14.85 16.81 -27.18
CA ARG A 152 14.59 15.95 -28.32
C ARG A 152 15.38 14.65 -28.24
N GLU A 153 16.61 14.72 -27.72
CA GLU A 153 17.43 13.53 -27.58
C GLU A 153 17.04 12.66 -26.38
N LYS A 154 15.99 13.03 -25.67
CA LYS A 154 15.50 12.33 -24.48
C LYS A 154 16.50 12.39 -23.34
N CYS A 155 17.48 13.30 -23.42
CA CYS A 155 18.44 13.47 -22.33
C CYS A 155 17.79 14.06 -21.08
N LEU A 156 16.62 14.67 -21.23
CA LEU A 156 15.88 15.25 -20.12
C LEU A 156 14.43 14.81 -20.19
N ALA A 157 13.82 14.63 -19.03
CA ALA A 157 12.42 14.24 -18.97
C ALA A 157 11.52 15.47 -19.04
N VAL A 158 10.70 15.52 -20.07
CA VAL A 158 9.77 16.63 -20.25
C VAL A 158 8.36 16.07 -20.30
N ALA A 159 7.48 16.54 -19.43
CA ALA A 159 6.09 16.11 -19.43
C ALA A 159 5.94 14.59 -19.37
N THR A 160 5.24 14.04 -20.34
CA THR A 160 5.00 12.61 -20.43
C THR A 160 6.11 11.79 -21.08
N GLU A 161 7.15 12.45 -21.57
CA GLU A 161 8.24 11.77 -22.26
C GLU A 161 9.39 11.61 -21.28
N SER A 162 9.66 10.38 -20.88
CA SER A 162 10.68 10.13 -19.87
C SER A 162 12.07 10.32 -20.46
N ASN A 163 13.06 10.51 -19.58
CA ASN A 163 14.44 10.65 -20.00
C ASN A 163 14.98 9.30 -20.46
N GLN A 164 16.06 9.30 -21.22
CA GLN A 164 16.67 8.04 -21.62
C GLN A 164 17.81 7.74 -20.65
N ASN A 165 17.49 7.23 -19.46
CA ASN A 165 18.48 6.92 -18.43
C ASN A 165 19.39 8.12 -18.11
N ASN A 166 20.70 7.90 -18.10
CA ASN A 166 21.67 8.95 -17.82
C ASN A 166 22.39 9.43 -19.06
N SER A 167 21.88 9.06 -20.23
CA SER A 167 22.50 9.42 -21.50
C SER A 167 22.95 10.86 -21.67
N ILE A 168 22.41 11.76 -20.86
CA ILE A 168 22.77 13.17 -20.98
C ILE A 168 24.27 13.36 -20.80
N ILE A 169 24.87 12.63 -19.86
CA ILE A 169 26.30 12.79 -19.60
C ILE A 169 27.11 12.40 -20.83
N SER A 170 26.85 11.21 -21.38
CA SER A 170 27.58 10.78 -22.57
C SER A 170 27.30 11.68 -23.76
N VAL A 171 26.05 12.09 -23.95
CA VAL A 171 25.65 12.81 -25.14
C VAL A 171 26.19 14.24 -25.13
N LEU A 172 26.14 14.92 -23.97
CA LEU A 172 26.55 16.31 -23.90
C LEU A 172 28.02 16.49 -23.56
N PHE A 173 28.57 15.65 -22.68
CA PHE A 173 29.96 15.79 -22.26
C PHE A 173 30.85 14.61 -22.65
N GLY A 174 30.36 13.68 -23.46
CA GLY A 174 31.15 12.51 -23.81
C GLY A 174 32.35 12.86 -24.66
N THR A 175 33.39 12.03 -24.53
CA THR A 175 34.67 12.26 -25.20
C THR A 175 34.85 11.42 -26.46
N GLY A 176 33.89 10.59 -26.83
CA GLY A 176 34.09 9.60 -27.87
C GLY A 176 33.46 9.97 -29.21
N GLU A 177 33.79 9.16 -30.22
CA GLU A 177 33.17 9.31 -31.53
C GLU A 177 31.67 9.09 -31.45
N LYS A 178 30.92 9.82 -32.25
CA LYS A 178 29.49 9.72 -32.25
C LYS A 178 28.98 9.06 -33.51
N GLU A 179 27.67 8.90 -33.60
CA GLU A 179 27.07 8.25 -34.74
C GLU A 179 27.06 9.16 -35.97
N ASP A 180 27.09 8.55 -37.14
CA ASP A 180 26.85 9.25 -38.40
C ASP A 180 25.35 9.29 -38.59
N ARG A 181 24.72 10.39 -38.16
CA ARG A 181 23.26 10.46 -38.12
C ARG A 181 22.67 10.58 -39.53
N SER A 182 23.35 11.28 -40.44
CA SER A 182 22.79 11.49 -41.77
C SER A 182 22.62 10.18 -42.52
N VAL A 183 23.58 9.26 -42.36
CA VAL A 183 23.50 7.94 -42.99
C VAL A 183 22.24 7.21 -42.53
N LYS A 184 22.03 7.16 -41.22
CA LYS A 184 20.86 6.47 -40.67
C LYS A 184 19.57 7.12 -41.14
N LEU A 185 19.54 8.46 -41.18
CA LEU A 185 18.32 9.15 -41.59
C LEU A 185 17.99 8.84 -43.05
N ARG A 186 19.00 8.85 -43.93
CA ARG A 186 18.72 8.59 -45.34
C ARG A 186 18.20 7.16 -45.50
N ILE A 187 18.90 6.19 -44.89
CA ILE A 187 18.54 4.79 -45.05
C ILE A 187 17.14 4.54 -44.52
N THR A 188 16.84 5.06 -43.33
CA THR A 188 15.51 4.88 -42.75
C THR A 188 14.44 5.49 -43.64
N LYS A 189 14.69 6.70 -44.18
CA LYS A 189 13.67 7.36 -44.98
C LYS A 189 13.35 6.59 -46.25
N LYS A 190 14.39 6.12 -46.97
CA LYS A 190 14.12 5.32 -48.17
C LYS A 190 13.53 3.95 -47.86
N ILE A 191 13.85 3.37 -46.71
CA ILE A 191 13.23 2.09 -46.39
C ILE A 191 11.74 2.27 -46.16
N LEU A 192 11.37 3.33 -45.42
CA LEU A 192 9.97 3.63 -45.24
C LEU A 192 9.30 3.94 -46.58
N GLU A 193 9.99 4.68 -47.45
CA GLU A 193 9.53 4.89 -48.81
C GLU A 193 9.21 3.57 -49.52
N ALA A 194 10.19 2.66 -49.55
CA ALA A 194 10.06 1.43 -50.31
C ALA A 194 8.94 0.56 -49.77
N ILE A 195 8.81 0.46 -48.44
CA ILE A 195 7.75 -0.39 -47.90
C ILE A 195 6.42 0.33 -47.83
N SER A 196 6.37 1.62 -48.19
CA SER A 196 5.10 2.35 -48.19
C SER A 196 4.16 1.87 -49.30
N ASN A 197 4.69 1.55 -50.48
CA ASN A 197 3.90 1.23 -51.67
C ASN A 197 4.35 -0.13 -52.19
N LEU A 198 3.87 -1.18 -51.57
CA LEU A 198 4.14 -2.54 -52.02
C LEU A 198 2.90 -3.06 -52.72
N LYS A 199 3.07 -3.62 -53.90
CA LYS A 199 1.91 -4.18 -54.59
C LYS A 199 1.56 -5.57 -54.09
N GLU A 200 2.44 -6.20 -53.31
CA GLU A 200 2.10 -7.40 -52.57
C GLU A 200 2.80 -7.32 -51.22
N ILE A 201 2.02 -7.21 -50.14
CA ILE A 201 2.59 -7.23 -48.80
C ILE A 201 3.00 -8.67 -48.50
N PRO A 202 4.29 -8.95 -48.34
CA PRO A 202 4.70 -10.32 -48.01
C PRO A 202 4.23 -10.67 -46.60
N LYS A 203 3.98 -11.99 -46.34
CA LYS A 203 3.72 -12.56 -45.00
C LYS A 203 5.00 -12.73 -44.19
N ASN A 204 6.15 -12.90 -44.83
CA ASN A 204 7.38 -13.14 -44.12
C ASN A 204 8.31 -11.96 -44.39
N VAL A 205 9.42 -11.93 -43.66
CA VAL A 205 10.29 -10.78 -43.68
C VAL A 205 11.39 -10.87 -44.71
N ALA A 206 11.60 -12.04 -45.32
CA ALA A 206 12.68 -12.19 -46.29
C ALA A 206 12.64 -11.19 -47.43
N PRO A 207 11.51 -10.94 -48.12
CA PRO A 207 11.51 -9.90 -49.15
C PRO A 207 11.78 -8.51 -48.58
N ILE A 208 11.31 -8.23 -47.37
CA ILE A 208 11.57 -6.92 -46.76
C ILE A 208 13.04 -6.79 -46.38
N GLN A 209 13.64 -7.87 -45.88
CA GLN A 209 15.08 -7.86 -45.61
C GLN A 209 15.86 -7.63 -46.91
N GLU A 210 15.41 -8.26 -47.98
CA GLU A 210 15.92 -8.01 -49.32
C GLU A 210 15.90 -6.52 -49.66
N ILE A 211 14.73 -5.89 -49.47
CA ILE A 211 14.56 -4.49 -49.81
C ILE A 211 15.48 -3.61 -48.98
N ILE A 212 15.56 -3.90 -47.67
CA ILE A 212 16.39 -3.10 -46.77
C ILE A 212 17.86 -3.21 -47.17
N LEU A 213 18.32 -4.43 -47.43
CA LEU A 213 19.72 -4.60 -47.82
C LEU A 213 20.01 -3.92 -49.15
N ASN A 214 19.06 -3.94 -50.08
CA ASN A 214 19.27 -3.27 -51.36
C ASN A 214 19.35 -1.76 -51.18
N VAL A 215 18.48 -1.19 -50.34
CA VAL A 215 18.49 0.26 -50.12
C VAL A 215 19.77 0.68 -49.40
N ALA A 216 20.12 -0.05 -48.34
CA ALA A 216 21.30 0.26 -47.56
C ALA A 216 22.61 -0.10 -48.25
N LYS A 217 22.53 -0.77 -49.40
CA LYS A 217 23.69 -1.24 -50.16
C LYS A 217 24.63 -2.09 -49.30
N ALA A 218 24.04 -3.01 -48.54
CA ALA A 218 24.79 -3.87 -47.66
C ALA A 218 24.21 -5.28 -47.60
N THR A 219 24.99 -6.21 -47.06
CA THR A 219 24.56 -7.60 -46.90
C THR A 219 24.22 -7.84 -45.43
N LYS A 220 23.72 -9.02 -45.10
CA LYS A 220 23.39 -9.32 -43.71
C LYS A 220 24.61 -9.22 -42.82
N GLU A 221 25.80 -9.50 -43.37
CA GLU A 221 27.03 -9.43 -42.58
C GLU A 221 27.59 -8.02 -42.48
N THR A 222 27.16 -7.09 -43.33
CA THR A 222 27.71 -5.74 -43.34
C THR A 222 26.69 -4.67 -42.99
N PHE A 223 25.44 -5.04 -42.69
CA PHE A 223 24.43 -4.01 -42.46
C PHE A 223 24.75 -3.18 -41.22
N ARG A 224 25.25 -3.81 -40.17
CA ARG A 224 25.58 -3.05 -38.96
C ARG A 224 26.66 -2.01 -39.25
N GLN A 225 27.72 -2.41 -39.97
CA GLN A 225 28.78 -1.48 -40.30
C GLN A 225 28.28 -0.35 -41.20
N VAL A 226 27.46 -0.68 -42.20
CA VAL A 226 26.99 0.33 -43.13
C VAL A 226 26.04 1.31 -42.43
N TYR A 227 25.09 0.78 -41.66
CA TYR A 227 24.02 1.62 -41.12
C TYR A 227 24.45 2.36 -39.87
N ALA A 228 25.14 1.70 -38.94
CA ALA A 228 25.45 2.28 -37.65
C ALA A 228 26.94 2.47 -37.41
N GLY A 229 27.78 2.24 -38.42
CA GLY A 229 29.21 2.34 -38.22
C GLY A 229 29.74 1.41 -37.15
N ASN A 230 29.05 0.29 -36.91
CA ASN A 230 29.41 -0.70 -35.91
C ASN A 230 29.38 -0.14 -34.49
N LEU A 231 28.64 0.95 -34.26
CA LEU A 231 28.68 1.68 -33.00
C LEU A 231 27.34 1.62 -32.30
N GLY A 232 27.36 1.28 -31.00
CA GLY A 232 26.18 1.33 -30.18
C GLY A 232 25.42 0.00 -30.14
N ALA A 233 24.37 0.01 -29.33
CA ALA A 233 23.52 -1.17 -29.21
C ALA A 233 22.76 -1.39 -30.53
N PRO A 234 22.42 -2.64 -30.84
CA PRO A 234 21.74 -2.93 -32.11
C PRO A 234 20.40 -2.21 -32.20
N SER A 235 20.14 -1.63 -33.37
CA SER A 235 18.88 -0.97 -33.66
C SER A 235 17.80 -2.00 -33.99
N THR A 236 16.54 -1.54 -33.99
CA THR A 236 15.45 -2.40 -34.45
C THR A 236 15.67 -2.87 -35.88
N LEU A 237 16.27 -2.02 -36.72
CA LEU A 237 16.46 -2.37 -38.12
C LEU A 237 17.56 -3.42 -38.27
N GLU A 238 18.61 -3.32 -37.46
CA GLU A 238 19.66 -4.34 -37.46
C GLU A 238 19.09 -5.69 -37.07
N LYS A 239 18.25 -5.72 -36.03
CA LYS A 239 17.68 -6.99 -35.59
C LYS A 239 16.63 -7.50 -36.56
N PHE A 240 15.97 -6.60 -37.29
CA PHE A 240 15.12 -7.04 -38.39
C PHE A 240 15.95 -7.76 -39.45
N ILE A 241 17.11 -7.20 -39.79
CA ILE A 241 18.01 -7.87 -40.73
C ILE A 241 18.49 -9.20 -40.16
N ALA A 242 18.65 -9.28 -38.84
CA ALA A 242 19.13 -10.51 -38.22
C ALA A 242 18.11 -11.64 -38.23
N LYS A 243 16.82 -11.33 -38.41
CA LYS A 243 15.77 -12.32 -38.25
C LYS A 243 15.93 -13.48 -39.24
N ASP A 244 15.17 -14.55 -38.98
CA ASP A 244 15.29 -15.79 -39.75
C ASP A 244 15.03 -15.54 -41.23
N GLY A 245 13.97 -14.80 -41.55
CA GLY A 245 13.53 -14.61 -42.92
C GLY A 245 12.26 -15.37 -43.26
N GLN A 246 12.02 -16.48 -42.58
CA GLN A 246 10.71 -17.13 -42.61
C GLN A 246 9.78 -16.60 -41.53
N LYS A 247 10.31 -15.80 -40.60
CA LYS A 247 9.48 -15.19 -39.57
C LYS A 247 8.49 -14.22 -40.19
N GLU A 248 7.33 -14.07 -39.55
CA GLU A 248 6.27 -13.26 -40.11
C GLU A 248 6.64 -11.78 -40.12
N PHE A 249 5.99 -11.05 -41.01
CA PHE A 249 6.24 -9.63 -41.25
C PHE A 249 5.08 -8.82 -40.70
N ASP A 250 5.39 -7.87 -39.81
CA ASP A 250 4.43 -6.89 -39.34
C ASP A 250 4.79 -5.57 -40.00
N LEU A 251 4.07 -5.22 -41.06
CA LEU A 251 4.36 -4.01 -41.82
C LEU A 251 4.08 -2.76 -40.99
N LYS A 252 2.93 -2.72 -40.33
CA LYS A 252 2.56 -1.60 -39.47
C LYS A 252 3.65 -1.31 -38.44
N LYS A 253 4.16 -2.36 -37.79
CA LYS A 253 5.15 -2.17 -36.73
C LYS A 253 6.46 -1.63 -37.29
N LEU A 254 6.91 -2.17 -38.42
CA LEU A 254 8.15 -1.68 -39.02
C LEU A 254 8.02 -0.22 -39.43
N GLN A 255 6.87 0.15 -40.01
CA GLN A 255 6.65 1.54 -40.37
C GLN A 255 6.65 2.43 -39.13
N THR A 256 6.05 1.96 -38.03
CA THR A 256 6.02 2.74 -36.80
C THR A 256 7.43 2.96 -36.27
N ASP A 257 8.25 1.92 -36.23
CA ASP A 257 9.61 2.04 -35.71
C ASP A 257 10.45 2.96 -36.60
N LEU A 258 10.29 2.83 -37.92
CA LEU A 258 11.04 3.69 -38.84
C LEU A 258 10.62 5.15 -38.68
N LYS A 259 9.31 5.39 -38.49
CA LYS A 259 8.86 6.75 -38.22
C LYS A 259 9.47 7.28 -36.94
N LYS A 260 9.56 6.44 -35.90
CA LYS A 260 10.22 6.85 -34.67
C LYS A 260 11.64 7.31 -34.95
N VAL A 261 12.39 6.53 -35.74
CA VAL A 261 13.78 6.87 -36.00
C VAL A 261 13.88 8.17 -36.82
N ILE A 262 13.02 8.32 -37.83
CA ILE A 262 13.05 9.55 -38.63
C ILE A 262 12.73 10.76 -37.75
N ARG A 263 11.78 10.61 -36.84
CA ARG A 263 11.40 11.71 -35.96
C ARG A 263 12.52 12.07 -34.99
N GLY A 264 13.16 11.05 -34.39
CA GLY A 264 14.19 11.32 -33.40
C GLY A 264 15.53 11.75 -33.97
N LYS A 265 15.76 11.55 -35.26
CA LYS A 265 17.06 11.84 -35.86
C LYS A 265 17.01 12.86 -36.99
N SER A 266 15.90 13.58 -37.15
CA SER A 266 15.83 14.55 -38.24
C SER A 266 16.71 15.77 -37.99
N LYS A 267 16.87 16.14 -36.73
CA LYS A 267 17.72 17.26 -36.37
C LYS A 267 18.97 16.75 -35.68
N GLU A 268 20.12 17.26 -36.10
CA GLU A 268 21.40 16.88 -35.51
C GLU A 268 21.71 17.59 -34.19
N ARG A 269 22.68 17.04 -33.46
CA ARG A 269 23.08 17.59 -32.17
C ARG A 269 24.17 18.65 -32.29
N ASP A 270 23.80 19.82 -32.81
CA ASP A 270 24.71 20.95 -32.99
C ASP A 270 24.57 21.88 -31.79
N TRP A 271 25.39 21.66 -30.78
CA TRP A 271 25.31 22.44 -29.56
C TRP A 271 25.81 23.86 -29.78
N CYS A 272 25.25 24.79 -29.02
CA CYS A 272 25.72 26.16 -28.97
C CYS A 272 26.51 26.46 -27.70
N CYS A 273 26.14 25.81 -26.60
CA CYS A 273 26.68 26.10 -25.28
C CYS A 273 27.34 24.88 -24.65
N GLN A 274 27.71 23.89 -25.46
CA GLN A 274 28.25 22.63 -24.94
C GLN A 274 29.47 22.84 -24.04
N GLU A 275 30.48 23.54 -24.53
CA GLU A 275 31.72 23.67 -23.80
C GLU A 275 31.57 24.60 -22.61
N GLU A 276 30.74 25.65 -22.70
CA GLU A 276 30.44 26.45 -21.53
C GLU A 276 29.84 25.56 -20.45
N LEU A 277 28.84 24.77 -20.81
CA LEU A 277 28.15 23.94 -19.83
C LEU A 277 29.11 22.92 -19.21
N ARG A 278 29.97 22.32 -20.04
CA ARG A 278 30.92 21.35 -19.51
C ARG A 278 31.89 22.00 -18.54
N SER A 279 32.40 23.19 -18.88
CA SER A 279 33.28 23.89 -17.95
C SER A 279 32.56 24.22 -16.65
N TYR A 280 31.30 24.66 -16.74
CA TYR A 280 30.53 25.00 -15.55
C TYR A 280 30.37 23.80 -14.64
N VAL A 281 29.91 22.68 -15.19
CA VAL A 281 29.69 21.48 -14.40
C VAL A 281 31.00 21.00 -13.77
N GLU A 282 32.08 20.97 -14.57
CA GLU A 282 33.34 20.46 -14.06
C GLU A 282 33.90 21.35 -12.95
N GLN A 283 33.76 22.68 -13.09
CA GLN A 283 34.23 23.58 -12.05
C GLN A 283 33.44 23.43 -10.76
N ASN A 284 32.14 23.18 -10.87
CA ASN A 284 31.30 23.07 -9.68
C ASN A 284 31.24 21.66 -9.07
N THR A 285 31.82 20.69 -9.75
CA THR A 285 31.86 19.33 -9.26
C THR A 285 33.28 18.82 -9.23
N ILE A 286 33.54 17.75 -9.98
CA ILE A 286 34.87 17.17 -10.06
C ILE A 286 35.25 16.97 -11.52
N GLN A 287 36.52 16.67 -11.76
CA GLN A 287 37.01 16.39 -13.12
C GLN A 287 36.15 15.30 -13.74
N TYR A 288 35.72 15.53 -14.98
CA TYR A 288 34.79 14.67 -15.70
C TYR A 288 34.96 13.17 -15.51
N ASP A 289 33.86 12.52 -15.13
CA ASP A 289 33.80 11.07 -14.97
C ASP A 289 32.36 10.69 -15.30
N LEU A 290 32.18 9.85 -16.33
CA LEU A 290 30.83 9.58 -16.82
C LEU A 290 29.96 8.99 -15.72
N TRP A 291 30.49 8.03 -14.96
CA TRP A 291 29.68 7.38 -13.93
C TRP A 291 29.30 8.37 -12.81
N ALA A 292 30.28 9.13 -12.31
CA ALA A 292 30.01 9.99 -11.17
C ALA A 292 29.03 11.10 -11.52
N TRP A 293 29.25 11.76 -12.66
CA TRP A 293 28.30 12.76 -13.14
C TRP A 293 26.94 12.13 -13.39
N GLY A 294 26.93 10.89 -13.89
CA GLY A 294 25.66 10.19 -14.07
C GLY A 294 24.90 10.02 -12.77
N GLU A 295 25.60 9.67 -11.69
CA GLU A 295 24.94 9.48 -10.40
C GLU A 295 24.40 10.80 -9.86
N MET A 296 25.22 11.86 -9.91
CA MET A 296 24.75 13.18 -9.50
C MET A 296 23.50 13.58 -10.27
N PHE A 297 23.56 13.45 -11.60
CA PHE A 297 22.43 13.81 -12.45
C PHE A 297 21.21 12.97 -12.11
N ASN A 298 21.40 11.68 -11.91
CA ASN A 298 20.25 10.80 -11.67
C ASN A 298 19.52 11.21 -10.41
N LYS A 299 20.25 11.43 -9.32
CA LYS A 299 19.60 11.86 -8.08
C LYS A 299 18.81 13.15 -8.31
N ALA A 300 19.48 14.16 -8.86
CA ALA A 300 18.84 15.48 -8.99
C ALA A 300 17.64 15.42 -9.94
N HIS A 301 17.83 14.80 -11.10
CA HIS A 301 16.82 14.76 -12.15
C HIS A 301 15.59 13.98 -11.70
N THR A 302 15.79 12.83 -11.04
CA THR A 302 14.66 12.10 -10.51
C THR A 302 13.87 12.96 -9.52
N ALA A 303 14.60 13.60 -8.59
CA ALA A 303 13.93 14.42 -7.58
C ALA A 303 13.09 15.51 -8.22
N LEU A 304 13.59 16.14 -9.28
CA LEU A 304 12.84 17.23 -9.91
C LEU A 304 11.63 16.73 -10.70
N LYS A 305 11.83 15.68 -11.50
CA LYS A 305 10.78 15.24 -12.41
C LYS A 305 9.60 14.67 -11.65
N ILE A 306 9.85 13.97 -10.53
CA ILE A 306 8.72 13.37 -9.82
C ILE A 306 7.80 14.46 -9.28
N LYS A 307 8.38 15.57 -8.82
CA LYS A 307 7.54 16.63 -8.27
C LYS A 307 6.85 17.44 -9.36
N SER A 308 7.50 17.66 -10.51
CA SER A 308 6.79 18.34 -11.59
C SER A 308 5.58 17.53 -12.06
N THR A 309 5.76 16.21 -12.24
CA THR A 309 4.64 15.36 -12.64
C THR A 309 3.53 15.36 -11.59
N ARG A 310 3.91 15.20 -10.32
CA ARG A 310 2.91 15.17 -9.26
C ARG A 310 2.13 16.49 -9.20
N ASN A 311 2.81 17.62 -9.34
CA ASN A 311 2.14 18.91 -9.28
C ASN A 311 1.21 19.12 -10.47
N TYR A 312 1.59 18.63 -11.65
CA TYR A 312 0.69 18.68 -12.80
C TYR A 312 -0.63 17.96 -12.48
N ASN A 313 -0.52 16.70 -12.04
CA ASN A 313 -1.72 15.94 -11.72
C ASN A 313 -2.50 16.59 -10.58
N PHE A 314 -1.78 17.10 -9.58
CA PHE A 314 -2.41 17.72 -8.41
C PHE A 314 -3.20 18.96 -8.80
N ALA A 315 -2.65 19.79 -9.70
CA ALA A 315 -3.36 20.98 -10.15
C ALA A 315 -4.64 20.60 -10.90
N LYS A 316 -4.57 19.59 -11.75
CA LYS A 316 -5.79 19.15 -12.43
C LYS A 316 -6.84 18.67 -11.43
N GLN A 317 -6.42 17.84 -10.47
CA GLN A 317 -7.31 17.35 -9.43
C GLN A 317 -7.94 18.50 -8.67
N ARG A 318 -7.13 19.50 -8.33
CA ARG A 318 -7.58 20.64 -7.55
C ARG A 318 -8.61 21.47 -8.31
N LEU A 319 -8.41 21.65 -9.62
CA LEU A 319 -9.41 22.34 -10.41
C LEU A 319 -10.74 21.59 -10.40
N GLU A 320 -10.69 20.26 -10.54
CA GLU A 320 -11.93 19.49 -10.49
C GLU A 320 -12.62 19.63 -9.14
N GLN A 321 -11.85 19.56 -8.05
CA GLN A 321 -12.43 19.71 -6.72
C GLN A 321 -13.05 21.10 -6.56
N PHE A 322 -12.37 22.13 -7.06
CA PHE A 322 -12.87 23.49 -6.94
C PHE A 322 -14.19 23.66 -7.68
N LYS A 323 -14.29 23.10 -8.88
CA LYS A 323 -15.56 23.20 -9.61
C LYS A 323 -16.66 22.41 -8.91
N GLU A 324 -16.34 21.25 -8.35
CA GLU A 324 -17.36 20.52 -7.58
C GLU A 324 -17.82 21.35 -6.39
N ILE A 325 -16.88 22.03 -5.72
CA ILE A 325 -17.23 22.84 -4.55
C ILE A 325 -18.16 23.99 -4.96
N GLN A 326 -17.78 24.73 -6.00
CA GLN A 326 -18.57 25.89 -6.40
C GLN A 326 -19.90 25.49 -7.01
N SER A 327 -20.05 24.25 -7.47
CA SER A 327 -21.32 23.82 -8.04
C SER A 327 -22.41 23.75 -6.97
N LEU A 328 -22.19 22.98 -5.91
CA LEU A 328 -23.22 22.77 -4.90
C LEU A 328 -23.13 23.78 -3.76
N ASN A 329 -22.50 24.94 -4.01
CA ASN A 329 -22.47 26.03 -3.04
C ASN A 329 -23.80 26.79 -3.13
N ASN A 330 -24.80 26.25 -2.43
CA ASN A 330 -26.04 26.98 -2.24
C ASN A 330 -25.80 27.94 -1.09
N LEU A 331 -25.60 29.22 -1.43
CA LEU A 331 -25.15 30.22 -0.46
C LEU A 331 -26.05 30.21 0.78
N LEU A 332 -27.36 30.21 0.57
CA LEU A 332 -28.31 30.38 1.66
C LEU A 332 -28.41 29.12 2.51
N VAL A 333 -28.44 27.94 1.87
CA VAL A 333 -28.60 26.70 2.62
C VAL A 333 -27.35 26.41 3.44
N VAL A 334 -26.18 26.60 2.84
CA VAL A 334 -24.92 26.53 3.60
C VAL A 334 -24.95 27.51 4.77
N LYS A 335 -25.38 28.75 4.51
CA LYS A 335 -25.28 29.75 5.55
C LYS A 335 -26.20 29.42 6.72
N LYS A 336 -27.43 28.99 6.44
CA LYS A 336 -28.30 28.63 7.56
C LYS A 336 -27.90 27.31 8.19
N LEU A 337 -27.20 26.43 7.40
CA LEU A 337 -26.78 25.19 8.04
C LEU A 337 -25.77 25.55 9.10
N ASN A 338 -24.79 26.34 8.76
CA ASN A 338 -23.75 26.78 9.70
C ASN A 338 -24.28 27.73 10.76
N ASP A 339 -25.39 28.41 10.50
CA ASP A 339 -26.05 29.21 11.53
C ASP A 339 -26.51 28.36 12.71
N PHE A 340 -26.41 27.03 12.61
CA PHE A 340 -26.68 26.16 13.74
C PHE A 340 -25.86 26.55 14.96
N PHE A 341 -24.62 26.96 14.75
CA PHE A 341 -23.76 27.35 15.87
C PHE A 341 -24.16 28.69 16.47
N ASP A 342 -24.86 29.51 15.69
CA ASP A 342 -25.32 30.80 16.18
C ASP A 342 -26.78 30.74 16.55
N SER A 343 -27.21 29.55 16.97
CA SER A 343 -28.57 29.31 17.40
C SER A 343 -28.52 28.59 18.74
N GLU A 344 -29.57 28.68 19.54
CA GLU A 344 -29.51 28.02 20.83
C GLU A 344 -29.89 26.54 20.85
N PHE A 345 -29.08 25.74 20.20
CA PHE A 345 -29.23 24.31 20.16
C PHE A 345 -27.79 23.88 20.32
N PHE A 346 -26.94 24.88 20.49
CA PHE A 346 -25.51 24.70 20.66
C PHE A 346 -25.05 25.69 21.71
N SER A 347 -24.29 25.22 22.69
CA SER A 347 -23.80 26.09 23.76
C SER A 347 -22.30 25.92 23.96
N GLY A 348 -21.67 25.32 22.97
CA GLY A 348 -20.25 25.06 23.00
C GLY A 348 -19.39 26.29 22.85
N GLU A 349 -18.17 26.17 23.36
CA GLU A 349 -17.19 27.24 23.27
C GLU A 349 -16.82 27.51 21.82
N GLU A 350 -16.65 26.43 21.07
CA GLU A 350 -16.21 26.54 19.70
C GLU A 350 -17.04 25.77 18.72
N THR A 351 -16.98 26.20 17.48
CA THR A 351 -17.69 25.57 16.37
C THR A 351 -16.85 24.43 15.79
N TYR A 352 -17.42 23.75 14.80
CA TYR A 352 -16.70 22.70 14.08
C TYR A 352 -17.38 22.47 12.74
N THR A 353 -16.61 22.02 11.76
CA THR A 353 -17.14 21.82 10.41
C THR A 353 -18.23 20.76 10.43
N ILE A 354 -19.41 21.12 9.92
CA ILE A 354 -20.54 20.19 9.87
C ILE A 354 -20.40 19.32 8.63
N CYS A 355 -20.49 18.01 8.82
CA CYS A 355 -20.25 17.05 7.75
C CYS A 355 -21.49 16.20 7.50
N VAL A 356 -21.46 15.49 6.37
CA VAL A 356 -22.60 14.66 5.96
C VAL A 356 -22.94 13.65 7.05
N HIS A 357 -21.91 13.00 7.61
CA HIS A 357 -22.15 11.96 8.61
C HIS A 357 -22.73 12.51 9.90
N HIS A 358 -22.52 13.79 10.20
CA HIS A 358 -23.16 14.39 11.37
C HIS A 358 -24.67 14.48 11.19
N LEU A 359 -25.17 14.31 9.98
CA LEU A 359 -26.58 14.49 9.66
C LEU A 359 -27.30 13.16 9.48
N GLY A 360 -26.58 12.04 9.52
CA GLY A 360 -27.12 10.77 9.12
C GLY A 360 -26.94 10.43 7.66
N GLY A 361 -26.43 11.37 6.86
CA GLY A 361 -26.22 11.08 5.45
C GLY A 361 -27.53 11.02 4.68
N LYS A 362 -27.61 10.05 3.73
CA LYS A 362 -28.78 9.91 2.86
C LYS A 362 -30.06 9.82 3.68
N ASP A 363 -30.00 9.16 4.84
CA ASP A 363 -31.17 8.90 5.65
C ASP A 363 -31.81 10.18 6.19
N LEU A 364 -31.11 11.32 6.13
CA LEU A 364 -31.75 12.59 6.41
C LEU A 364 -33.04 12.74 5.62
N SER A 365 -33.02 12.30 4.36
CA SER A 365 -34.24 12.28 3.54
C SER A 365 -35.36 11.55 4.26
N LYS A 366 -35.12 10.28 4.65
CA LYS A 366 -36.11 9.54 5.44
C LYS A 366 -36.62 10.39 6.59
N LEU A 367 -35.70 11.03 7.30
CA LEU A 367 -36.09 11.80 8.48
C LEU A 367 -37.06 12.91 8.09
N TYR A 368 -36.74 13.64 7.02
CA TYR A 368 -37.66 14.66 6.51
C TYR A 368 -39.04 14.07 6.29
N LYS A 369 -39.10 12.88 5.67
CA LYS A 369 -40.38 12.22 5.45
C LYS A 369 -41.15 12.07 6.76
N ALA A 370 -40.47 11.57 7.79
CA ALA A 370 -41.10 11.45 9.10
C ALA A 370 -41.67 12.79 9.56
N TRP A 371 -40.86 13.80 9.41
CA TRP A 371 -41.36 15.11 9.82
C TRP A 371 -42.51 15.56 8.95
N GLU A 372 -42.58 15.09 7.71
CA GLU A 372 -43.70 15.55 6.91
C GLU A 372 -44.95 14.80 7.40
N ASP A 373 -44.75 13.56 7.87
CA ASP A 373 -45.80 12.57 8.12
C ASP A 373 -46.34 12.62 9.53
N ASP A 374 -45.54 13.11 10.48
CA ASP A 374 -45.94 13.18 11.88
C ASP A 374 -45.25 14.37 12.51
N PRO A 375 -45.62 15.59 12.11
CA PRO A 375 -45.10 16.78 12.79
C PRO A 375 -45.64 16.84 14.21
N ALA A 376 -44.99 17.69 15.01
CA ALA A 376 -45.25 17.87 16.44
C ALA A 376 -44.92 16.62 17.25
N ASP A 377 -44.20 15.66 16.68
CA ASP A 377 -43.46 14.65 17.44
C ASP A 377 -42.07 14.52 16.86
N PRO A 378 -41.37 15.63 16.58
CA PRO A 378 -40.11 15.53 15.83
C PRO A 378 -39.02 14.85 16.63
N GLU A 379 -39.00 15.03 17.93
CA GLU A 379 -38.01 14.39 18.78
C GLU A 379 -38.05 12.87 18.61
N ASN A 380 -39.26 12.30 18.58
CA ASN A 380 -39.37 10.84 18.46
C ASN A 380 -38.91 10.37 17.09
N ALA A 381 -39.18 11.14 16.03
CA ALA A 381 -38.67 10.77 14.72
C ALA A 381 -37.15 10.73 14.73
N ILE A 382 -36.52 11.76 15.31
CA ILE A 382 -35.07 11.78 15.47
C ILE A 382 -34.60 10.53 16.21
N VAL A 383 -35.25 10.19 17.34
CA VAL A 383 -34.75 9.11 18.17
C VAL A 383 -34.90 7.78 17.43
N VAL A 384 -36.00 7.63 16.69
CA VAL A 384 -36.27 6.38 15.99
C VAL A 384 -35.22 6.15 14.92
N LEU A 385 -34.88 7.28 14.15
CA LEU A 385 -33.88 7.16 13.08
C LEU A 385 -32.51 6.86 13.65
N CYS A 386 -32.17 7.52 14.75
CA CYS A 386 -30.88 7.29 15.36
C CYS A 386 -30.73 5.86 15.80
N ASP A 387 -31.77 5.31 16.41
CA ASP A 387 -31.68 3.93 16.84
C ASP A 387 -31.55 2.99 15.66
N ASP A 388 -32.29 3.27 14.60
CA ASP A 388 -32.24 2.43 13.42
C ASP A 388 -30.90 2.51 12.73
N LEU A 389 -30.22 3.64 12.89
CA LEU A 389 -28.96 3.86 12.19
C LEU A 389 -27.81 3.12 12.85
N LYS A 390 -27.82 3.07 14.18
CA LYS A 390 -26.63 2.77 14.97
C LYS A 390 -25.88 1.55 14.44
N ASN A 391 -24.64 1.78 14.07
CA ASN A 391 -23.80 0.84 13.34
C ASN A 391 -22.50 0.76 14.10
N ASN A 392 -21.90 -0.43 14.14
CA ASN A 392 -20.64 -0.53 14.85
C ASN A 392 -19.46 0.06 14.07
N PHE A 393 -19.71 0.63 12.89
CA PHE A 393 -18.66 1.21 12.07
C PHE A 393 -18.88 2.70 11.84
N LYS A 394 -20.09 3.08 11.41
CA LYS A 394 -20.35 4.47 11.08
C LYS A 394 -20.57 5.33 12.31
N LYS A 395 -20.12 6.59 12.20
CA LYS A 395 -20.28 7.58 13.26
C LYS A 395 -21.71 8.10 13.31
N GLU A 396 -22.26 8.20 14.52
CA GLU A 396 -23.66 8.53 14.73
C GLU A 396 -23.89 10.05 14.59
N PRO A 397 -25.09 10.45 14.16
CA PRO A 397 -25.36 11.88 13.96
C PRO A 397 -25.40 12.64 15.27
N ILE A 398 -25.23 13.96 15.15
CA ILE A 398 -25.32 14.86 16.30
C ILE A 398 -26.79 15.22 16.50
N ARG A 399 -27.34 14.85 17.65
CA ARG A 399 -28.78 15.00 17.87
C ARG A 399 -29.24 16.45 17.78
N ASN A 400 -28.49 17.38 18.39
CA ASN A 400 -28.90 18.78 18.34
C ASN A 400 -28.79 19.37 16.94
N ILE A 401 -27.87 18.87 16.11
CA ILE A 401 -27.83 19.37 14.74
C ILE A 401 -29.12 19.01 14.01
N LEU A 402 -29.60 17.77 14.20
CA LEU A 402 -30.88 17.37 13.63
C LEU A 402 -32.04 18.20 14.21
N ARG A 403 -31.99 18.45 15.53
CA ARG A 403 -33.01 19.27 16.17
C ARG A 403 -33.08 20.65 15.53
N TYR A 404 -31.92 21.27 15.31
CA TYR A 404 -31.89 22.57 14.67
C TYR A 404 -32.34 22.49 13.21
N ILE A 405 -32.06 21.37 12.55
CA ILE A 405 -32.46 21.25 11.14
C ILE A 405 -33.97 21.18 11.02
N PHE A 406 -34.64 20.55 11.98
CA PHE A 406 -36.10 20.55 11.94
C PHE A 406 -36.65 21.97 11.86
N THR A 407 -36.04 22.89 12.61
CA THR A 407 -36.42 24.29 12.63
C THR A 407 -36.56 24.86 11.22
N ILE A 408 -35.64 24.51 10.33
CA ILE A 408 -35.49 25.12 9.01
C ILE A 408 -35.85 24.15 7.89
N ARG A 409 -36.48 23.02 8.19
CA ARG A 409 -36.74 22.03 7.14
C ARG A 409 -37.74 22.55 6.12
N GLN A 410 -38.63 23.46 6.53
CA GLN A 410 -39.55 24.08 5.58
C GLN A 410 -38.79 24.89 4.55
N GLU A 411 -37.74 25.59 4.97
CA GLU A 411 -36.96 26.44 4.07
C GLU A 411 -35.95 25.62 3.28
N CYS A 412 -35.19 24.76 3.95
CA CYS A 412 -34.08 24.04 3.34
C CYS A 412 -34.43 22.57 3.19
N SER A 413 -34.43 22.09 1.96
CA SER A 413 -34.72 20.69 1.67
C SER A 413 -33.63 19.79 2.26
N ALA A 414 -33.94 18.49 2.33
CA ALA A 414 -32.95 17.52 2.82
C ALA A 414 -31.72 17.48 1.91
N GLN A 415 -31.94 17.31 0.61
CA GLN A 415 -30.85 17.32 -0.37
C GLN A 415 -30.04 18.62 -0.39
N ASP A 416 -30.67 19.78 -0.23
CA ASP A 416 -29.84 20.98 -0.15
C ASP A 416 -29.01 21.00 1.12
N ILE A 417 -29.53 20.45 2.23
CA ILE A 417 -28.78 20.38 3.48
C ILE A 417 -27.56 19.46 3.33
N LEU A 418 -27.77 18.27 2.75
CA LEU A 418 -26.64 17.36 2.60
C LEU A 418 -25.64 17.88 1.58
N ALA A 419 -26.12 18.58 0.55
CA ALA A 419 -25.21 19.28 -0.35
C ALA A 419 -24.36 20.29 0.41
N ALA A 420 -24.98 21.03 1.34
CA ALA A 420 -24.24 22.02 2.12
C ALA A 420 -23.18 21.37 3.00
N ALA A 421 -23.51 20.24 3.63
CA ALA A 421 -22.52 19.54 4.46
C ALA A 421 -21.35 19.04 3.61
N LYS A 422 -21.67 18.43 2.46
CA LYS A 422 -20.64 18.03 1.51
C LYS A 422 -19.77 19.22 1.13
N TYR A 423 -20.38 20.38 0.90
CA TYR A 423 -19.64 21.59 0.57
C TYR A 423 -18.70 21.98 1.69
N ASN A 424 -19.17 21.91 2.95
CA ASN A 424 -18.32 22.23 4.08
C ASN A 424 -17.07 21.36 4.10
N GLN A 425 -17.26 20.04 4.02
CA GLN A 425 -16.12 19.13 4.02
C GLN A 425 -15.15 19.44 2.87
N GLN A 426 -15.71 19.56 1.66
CA GLN A 426 -14.87 19.73 0.48
C GLN A 426 -14.09 21.03 0.53
N LEU A 427 -14.73 22.11 0.98
CA LEU A 427 -14.03 23.39 1.08
C LEU A 427 -12.92 23.33 2.12
N ASP A 428 -13.17 22.70 3.27
CA ASP A 428 -12.14 22.56 4.28
C ASP A 428 -10.91 21.85 3.71
N ARG A 429 -11.13 20.70 3.10
CA ARG A 429 -10.02 19.91 2.57
C ARG A 429 -9.32 20.64 1.42
N TYR A 430 -10.09 21.36 0.60
CA TYR A 430 -9.49 22.18 -0.45
C TYR A 430 -8.59 23.26 0.13
N LYS A 431 -9.00 23.86 1.26
CA LYS A 431 -8.22 24.95 1.82
C LYS A 431 -6.91 24.47 2.42
N SER A 432 -6.90 23.30 3.07
CA SER A 432 -5.62 22.86 3.63
C SER A 432 -4.72 22.16 2.60
N GLN A 433 -5.22 21.89 1.40
CA GLN A 433 -4.50 21.13 0.39
C GLN A 433 -3.19 21.80 0.00
N LYS A 434 -2.13 21.01 -0.15
CA LYS A 434 -0.78 21.53 -0.32
C LYS A 434 -0.13 21.08 -1.62
N ALA A 435 0.53 22.02 -2.30
CA ALA A 435 1.34 21.71 -3.47
C ALA A 435 2.64 21.05 -3.03
N ASN A 436 3.34 20.45 -4.00
CA ASN A 436 4.45 19.56 -3.70
C ASN A 436 5.78 20.25 -3.96
N PRO A 437 6.60 20.46 -2.92
CA PRO A 437 7.89 21.14 -3.12
C PRO A 437 8.94 20.22 -3.72
N SER A 438 9.82 20.82 -4.52
CA SER A 438 10.94 20.10 -5.11
C SER A 438 12.12 20.14 -4.14
N VAL A 439 12.59 18.96 -3.75
CA VAL A 439 13.64 18.81 -2.75
C VAL A 439 14.56 17.67 -3.21
N LEU A 440 15.87 17.83 -2.95
CA LEU A 440 16.85 16.88 -3.47
C LEU A 440 16.61 15.46 -2.94
N GLY A 441 16.35 15.33 -1.64
CA GLY A 441 16.13 14.01 -1.06
C GLY A 441 17.42 13.33 -0.65
N ASN A 442 17.29 12.09 -0.18
CA ASN A 442 18.38 11.36 0.45
C ASN A 442 18.59 10.00 -0.19
N GLN A 443 18.37 9.88 -1.50
CA GLN A 443 18.58 8.60 -2.18
C GLN A 443 20.07 8.31 -2.28
N GLY A 444 20.41 7.01 -2.29
CA GLY A 444 21.79 6.58 -2.38
C GLY A 444 22.31 6.52 -3.80
N PHE A 445 23.59 6.17 -3.92
CA PHE A 445 24.27 6.11 -5.20
C PHE A 445 24.63 4.67 -5.56
N THR A 446 24.52 4.34 -6.84
CA THR A 446 24.68 2.97 -7.33
C THR A 446 26.00 2.82 -8.06
N TRP A 447 26.83 1.88 -7.60
CA TRP A 447 27.98 1.40 -8.34
C TRP A 447 27.54 0.19 -9.17
N THR A 448 27.81 0.23 -10.47
CA THR A 448 27.54 -0.91 -11.34
C THR A 448 28.70 -1.90 -11.28
N ASN A 449 28.38 -3.17 -11.48
CA ASN A 449 29.37 -4.25 -11.49
C ASN A 449 30.22 -4.19 -10.22
N ALA A 450 29.54 -4.04 -9.09
CA ALA A 450 30.21 -3.79 -7.82
C ALA A 450 30.49 -5.07 -7.03
N VAL A 451 29.59 -6.04 -7.09
CA VAL A 451 29.76 -7.28 -6.34
C VAL A 451 30.68 -8.21 -7.10
N ILE A 452 31.65 -8.80 -6.39
CA ILE A 452 32.45 -9.87 -6.97
C ILE A 452 31.54 -11.05 -7.26
N LEU A 453 31.61 -11.57 -8.48
CA LEU A 453 30.72 -12.65 -8.88
C LEU A 453 30.96 -13.88 -8.02
N PRO A 454 29.91 -14.64 -7.69
CA PRO A 454 30.09 -15.76 -6.74
C PRO A 454 31.13 -16.76 -7.15
N GLU A 455 31.22 -17.08 -8.45
CA GLU A 455 32.20 -18.05 -8.92
C GLU A 455 33.60 -17.48 -8.98
N LYS A 456 33.76 -16.17 -8.79
CA LYS A 456 35.06 -15.54 -8.72
C LYS A 456 35.38 -15.04 -7.31
N ALA A 457 34.54 -15.34 -6.33
CA ALA A 457 34.74 -14.84 -4.98
C ALA A 457 36.00 -15.43 -4.37
N GLN A 458 36.79 -14.57 -3.74
CA GLN A 458 37.87 -15.01 -2.88
C GLN A 458 37.27 -15.61 -1.62
N ARG A 459 37.49 -16.91 -1.39
CA ARG A 459 36.85 -17.62 -0.30
C ARG A 459 37.89 -18.24 0.60
N ASN A 460 37.93 -17.79 1.85
CA ASN A 460 38.78 -18.39 2.87
C ASN A 460 37.96 -19.35 3.71
N ASP A 461 37.56 -20.45 3.07
CA ASP A 461 36.74 -21.46 3.74
C ASP A 461 37.57 -22.32 4.68
N ARG A 462 37.01 -22.59 5.84
CA ARG A 462 37.56 -23.50 6.84
C ARG A 462 36.71 -24.77 6.91
N PRO A 463 37.25 -25.85 7.47
CA PRO A 463 36.50 -27.12 7.50
C PRO A 463 35.18 -27.00 8.26
N ASN A 464 35.11 -26.10 9.25
CA ASN A 464 33.91 -25.81 10.02
C ASN A 464 33.47 -24.36 10.02
N SER A 465 33.90 -23.57 9.07
CA SER A 465 33.35 -22.21 8.93
C SER A 465 33.55 -21.76 7.50
N LEU A 466 32.47 -21.73 6.73
CA LEU A 466 32.53 -21.16 5.38
C LEU A 466 32.81 -19.66 5.47
N ASP A 467 33.57 -19.16 4.50
CA ASP A 467 33.80 -17.72 4.39
C ASP A 467 32.49 -17.02 4.06
N LEU A 468 31.97 -16.24 5.00
CA LEU A 468 30.66 -15.62 4.87
C LEU A 468 30.72 -14.21 4.31
N ARG A 469 31.89 -13.74 3.87
CA ARG A 469 32.04 -12.40 3.35
C ARG A 469 31.63 -12.33 1.89
N ILE A 470 30.93 -11.26 1.52
CA ILE A 470 30.72 -10.88 0.13
C ILE A 470 31.44 -9.56 -0.09
N TRP A 471 32.28 -9.49 -1.12
CA TRP A 471 33.14 -8.33 -1.32
C TRP A 471 32.64 -7.50 -2.49
N LEU A 472 32.52 -6.19 -2.26
CA LEU A 472 32.36 -5.22 -3.33
C LEU A 472 33.73 -4.75 -3.79
N TYR A 473 33.80 -4.34 -5.05
CA TYR A 473 35.02 -3.80 -5.65
C TYR A 473 34.62 -2.46 -6.26
N LEU A 474 34.82 -1.38 -5.49
CA LEU A 474 34.24 -0.07 -5.79
C LEU A 474 35.31 0.94 -6.16
N LYS A 475 35.05 1.74 -7.19
CA LYS A 475 35.88 2.89 -7.46
C LYS A 475 35.58 3.99 -6.43
N LEU A 476 36.63 4.53 -5.84
CA LEU A 476 36.56 5.57 -4.83
C LEU A 476 37.50 6.70 -5.24
N ARG A 477 37.16 7.91 -4.82
CA ARG A 477 37.88 9.12 -5.22
C ARG A 477 38.82 9.53 -4.09
N HIS A 478 40.10 9.60 -4.40
CA HIS A 478 41.13 9.94 -3.43
C HIS A 478 41.24 11.45 -3.27
N PRO A 479 41.94 11.93 -2.23
CA PRO A 479 42.08 13.38 -2.05
C PRO A 479 42.70 14.09 -3.24
N ASP A 480 43.56 13.43 -3.99
CA ASP A 480 44.15 14.01 -5.19
C ASP A 480 43.22 13.96 -6.40
N GLY A 481 41.99 13.50 -6.22
CA GLY A 481 41.05 13.38 -7.32
C GLY A 481 41.14 12.10 -8.12
N ARG A 482 42.03 11.18 -7.75
CA ARG A 482 42.20 9.94 -8.50
C ARG A 482 41.16 8.90 -8.11
N TRP A 483 40.65 8.20 -9.12
CA TRP A 483 39.72 7.10 -8.93
C TRP A 483 40.49 5.79 -8.87
N LYS A 484 40.19 4.99 -7.86
CA LYS A 484 40.83 3.70 -7.70
C LYS A 484 39.83 2.73 -7.10
N LYS A 485 39.94 1.46 -7.47
CA LYS A 485 39.02 0.46 -6.97
C LYS A 485 39.58 -0.20 -5.72
N HIS A 486 38.68 -0.45 -4.76
CA HIS A 486 39.03 -1.03 -3.48
C HIS A 486 38.03 -2.11 -3.12
N HIS A 487 38.49 -3.09 -2.35
CA HIS A 487 37.64 -4.19 -1.90
C HIS A 487 37.05 -3.86 -0.53
N ILE A 488 35.74 -3.99 -0.42
CA ILE A 488 35.03 -3.68 0.83
C ILE A 488 34.07 -4.80 1.16
N PRO A 489 34.12 -5.39 2.35
CA PRO A 489 33.31 -6.57 2.65
C PRO A 489 31.97 -6.27 3.32
N PHE A 490 31.01 -7.18 3.17
CA PHE A 490 29.78 -7.13 3.95
C PHE A 490 29.28 -8.55 4.18
N TYR A 491 28.40 -8.68 5.16
CA TYR A 491 27.83 -9.97 5.54
C TYR A 491 26.33 -9.96 5.35
N ASP A 492 25.80 -11.03 4.76
CA ASP A 492 24.35 -11.22 4.64
C ASP A 492 24.12 -12.72 4.46
N THR A 493 23.75 -13.41 5.54
CA THR A 493 23.56 -14.84 5.43
C THR A 493 22.38 -15.21 4.53
N ARG A 494 21.42 -14.32 4.33
CA ARG A 494 20.36 -14.61 3.37
C ARG A 494 20.86 -14.48 1.94
N PHE A 495 21.64 -13.45 1.64
CA PHE A 495 22.26 -13.34 0.32
C PHE A 495 23.23 -14.50 0.11
N PHE A 496 23.99 -14.85 1.14
CA PHE A 496 24.84 -16.04 1.10
C PHE A 496 24.05 -17.29 0.74
N GLN A 497 22.95 -17.54 1.48
CA GLN A 497 22.18 -18.76 1.29
C GLN A 497 21.54 -18.80 -0.10
N GLU A 498 20.87 -17.72 -0.49
CA GLU A 498 20.04 -17.76 -1.67
C GLU A 498 20.84 -17.69 -2.96
N ILE A 499 21.94 -16.94 -2.99
CA ILE A 499 22.71 -16.76 -4.22
C ILE A 499 24.19 -17.07 -4.05
N TYR A 500 24.82 -16.47 -3.03
CA TYR A 500 26.26 -16.25 -3.10
C TYR A 500 27.10 -17.44 -2.66
N ALA A 501 26.56 -18.35 -1.87
CA ALA A 501 27.33 -19.54 -1.49
C ALA A 501 27.53 -20.45 -2.70
N ALA A 502 28.66 -21.15 -2.72
CA ALA A 502 29.07 -21.93 -3.88
C ALA A 502 28.33 -23.26 -3.88
N GLY A 503 27.32 -23.37 -4.75
CA GLY A 503 26.62 -24.62 -4.90
C GLY A 503 27.45 -25.68 -5.59
N ASN A 504 27.20 -26.94 -5.25
CA ASN A 504 27.90 -28.08 -5.85
C ASN A 504 26.96 -29.21 -6.22
N SER A 505 25.67 -28.92 -6.37
CA SER A 505 24.69 -29.98 -6.58
C SER A 505 24.82 -30.57 -7.98
N PRO A 506 24.95 -31.89 -8.11
CA PRO A 506 25.10 -32.48 -9.45
C PRO A 506 23.91 -32.27 -10.38
N VAL A 507 22.68 -32.17 -9.84
CA VAL A 507 21.51 -32.32 -10.69
C VAL A 507 20.47 -31.20 -10.53
N ASP A 508 20.65 -30.31 -9.57
CA ASP A 508 19.62 -29.32 -9.24
C ASP A 508 20.06 -27.91 -9.59
N THR A 509 19.19 -27.18 -10.29
CA THR A 509 19.35 -25.75 -10.57
C THR A 509 18.08 -25.03 -10.20
N CYS A 510 18.18 -24.04 -9.32
CA CYS A 510 17.05 -23.21 -8.92
C CYS A 510 17.46 -21.74 -8.97
N GLN A 511 16.48 -20.86 -8.85
CA GLN A 511 16.74 -19.43 -8.97
C GLN A 511 17.21 -18.84 -7.64
N PHE A 512 16.50 -19.13 -6.56
CA PHE A 512 16.87 -18.67 -5.23
C PHE A 512 16.75 -19.85 -4.27
N ARG A 513 17.77 -20.05 -3.45
CA ARG A 513 17.84 -21.22 -2.56
C ARG A 513 17.07 -20.93 -1.28
N THR A 514 15.74 -20.93 -1.42
CA THR A 514 14.84 -20.67 -0.30
C THR A 514 13.52 -21.37 -0.59
N PRO A 515 12.77 -21.78 0.46
CA PRO A 515 11.59 -22.63 0.24
C PRO A 515 10.60 -22.14 -0.82
N ARG A 516 10.26 -20.85 -0.83
CA ARG A 516 9.24 -20.38 -1.76
C ARG A 516 9.70 -20.47 -3.21
N PHE A 517 10.98 -20.71 -3.46
CA PHE A 517 11.49 -20.96 -4.80
C PHE A 517 11.92 -22.42 -4.98
N GLY A 518 11.50 -23.30 -4.08
CA GLY A 518 11.63 -24.72 -4.30
C GLY A 518 12.80 -25.43 -3.65
N TYR A 519 13.57 -24.77 -2.78
CA TYR A 519 14.71 -25.40 -2.13
C TYR A 519 14.60 -25.30 -0.61
N HIS A 520 14.91 -26.40 0.07
CA HIS A 520 14.97 -26.46 1.52
C HIS A 520 16.37 -26.85 1.96
N LEU A 521 16.88 -26.16 2.98
CA LEU A 521 18.20 -26.46 3.51
C LEU A 521 18.16 -27.71 4.39
N PRO A 522 19.24 -28.48 4.43
CA PRO A 522 19.24 -29.71 5.22
C PRO A 522 19.11 -29.43 6.71
N LYS A 523 18.66 -30.46 7.44
CA LYS A 523 18.43 -30.34 8.88
C LYS A 523 19.74 -30.52 9.65
N LEU A 524 19.91 -29.72 10.69
CA LEU A 524 21.07 -29.85 11.57
C LEU A 524 20.88 -31.05 12.51
N THR A 525 22.01 -31.66 12.87
CA THR A 525 22.02 -32.90 13.65
C THR A 525 22.79 -32.71 14.94
N ASP A 526 23.00 -33.83 15.65
CA ASP A 526 23.88 -33.87 16.82
C ASP A 526 25.35 -33.80 16.47
N GLN A 527 25.70 -33.93 15.20
CA GLN A 527 27.07 -33.80 14.73
C GLN A 527 27.45 -32.36 14.38
N THR A 528 26.49 -31.44 14.44
CA THR A 528 26.72 -30.08 13.95
C THR A 528 27.73 -29.34 14.81
N ALA A 529 27.53 -29.33 16.13
CA ALA A 529 28.47 -28.79 17.10
C ALA A 529 28.79 -27.31 16.83
N ILE A 530 27.76 -26.47 16.95
CA ILE A 530 27.92 -25.02 16.79
C ILE A 530 28.45 -24.43 18.10
N ARG A 531 29.57 -23.70 18.01
CA ARG A 531 30.14 -23.01 19.19
C ARG A 531 30.51 -21.59 18.75
N VAL A 532 29.55 -20.67 18.83
CA VAL A 532 29.80 -19.28 18.49
C VAL A 532 29.26 -18.40 19.61
N ASN A 533 29.53 -17.09 19.49
CA ASN A 533 28.98 -16.13 20.42
C ASN A 533 27.46 -16.19 20.41
N LYS A 534 26.87 -15.81 21.54
CA LYS A 534 25.41 -15.88 21.69
C LYS A 534 24.71 -15.04 20.62
N LYS A 535 25.29 -13.92 20.25
CA LYS A 535 24.67 -12.97 19.34
C LYS A 535 24.86 -13.33 17.87
N HIS A 536 25.42 -14.50 17.57
CA HIS A 536 25.60 -14.93 16.18
C HIS A 536 24.96 -16.27 15.89
N VAL A 537 24.36 -16.92 16.89
CA VAL A 537 23.95 -18.32 16.77
C VAL A 537 23.05 -18.52 15.56
N LYS A 538 22.01 -17.68 15.44
CA LYS A 538 21.08 -17.83 14.33
C LYS A 538 21.81 -17.76 12.99
N ALA A 539 22.65 -16.73 12.82
CA ALA A 539 23.44 -16.66 11.60
C ALA A 539 24.29 -17.92 11.45
N ALA A 540 24.97 -18.31 12.54
CA ALA A 540 25.76 -19.54 12.51
C ALA A 540 24.93 -20.71 12.04
N LYS A 541 23.69 -20.83 12.54
CA LYS A 541 22.86 -21.95 12.15
C LYS A 541 22.69 -22.01 10.64
N THR A 542 22.36 -20.86 10.03
CA THR A 542 22.21 -20.85 8.58
C THR A 542 23.50 -21.28 7.91
N GLU A 543 24.64 -20.73 8.37
CA GLU A 543 25.92 -21.15 7.83
C GLU A 543 26.06 -22.66 7.92
N ALA A 544 25.79 -23.21 9.11
CA ALA A 544 25.94 -24.64 9.31
C ALA A 544 25.16 -25.41 8.27
N ARG A 545 23.90 -25.02 8.06
CA ARG A 545 23.06 -25.77 7.13
C ARG A 545 23.65 -25.73 5.73
N ILE A 546 24.10 -24.54 5.29
CA ILE A 546 24.70 -24.44 3.98
C ILE A 546 25.93 -25.33 3.91
N ARG A 547 26.76 -25.30 4.95
CA ARG A 547 27.92 -26.18 4.99
C ARG A 547 27.50 -27.63 4.80
N LEU A 548 26.45 -28.04 5.54
CA LEU A 548 25.98 -29.41 5.42
C LEU A 548 25.58 -29.71 3.98
N ALA A 549 24.86 -28.79 3.35
CA ALA A 549 24.43 -29.02 1.97
C ALA A 549 25.64 -29.19 1.06
N ILE A 550 26.69 -28.40 1.28
CA ILE A 550 27.87 -28.56 0.44
C ILE A 550 28.56 -29.88 0.73
N GLN A 551 28.54 -30.33 1.98
CA GLN A 551 29.16 -31.61 2.30
C GLN A 551 28.39 -32.76 1.67
N GLN A 552 27.05 -32.67 1.67
CA GLN A 552 26.22 -33.66 1.00
C GLN A 552 26.27 -33.56 -0.51
N GLY A 553 26.89 -32.51 -1.05
CA GLY A 553 26.84 -32.28 -2.48
C GLY A 553 25.46 -31.93 -2.98
N THR A 554 24.60 -31.38 -2.13
CA THR A 554 23.21 -31.13 -2.47
C THR A 554 22.85 -29.65 -2.58
N LEU A 555 23.80 -28.73 -2.42
CA LEU A 555 23.48 -27.31 -2.53
C LEU A 555 23.30 -26.93 -4.00
N PRO A 556 22.12 -26.48 -4.41
CA PRO A 556 21.89 -26.21 -5.83
C PRO A 556 22.74 -25.08 -6.36
N VAL A 557 23.04 -25.16 -7.64
CA VAL A 557 23.79 -24.12 -8.35
C VAL A 557 22.79 -23.11 -8.87
N SER A 558 23.03 -21.83 -8.63
CA SER A 558 22.13 -20.80 -9.10
C SER A 558 22.08 -20.80 -10.62
N ASN A 559 20.86 -20.74 -11.16
CA ASN A 559 20.64 -20.80 -12.61
C ASN A 559 20.42 -19.42 -13.21
N LEU A 560 20.69 -18.35 -12.46
CA LEU A 560 20.36 -17.00 -12.88
C LEU A 560 21.32 -16.44 -13.93
N LYS A 561 22.50 -17.04 -14.04
CA LYS A 561 23.52 -16.60 -14.97
C LYS A 561 23.79 -15.11 -14.80
N ILE A 562 24.13 -14.74 -13.57
CA ILE A 562 24.47 -13.37 -13.24
C ILE A 562 25.84 -13.02 -13.82
N THR A 563 25.89 -11.94 -14.60
CA THR A 563 27.14 -11.46 -15.16
C THR A 563 27.63 -10.17 -14.49
N GLU A 564 26.80 -9.52 -13.69
CA GLU A 564 27.14 -8.29 -12.99
C GLU A 564 26.10 -8.06 -11.92
N ILE A 565 26.53 -7.55 -10.77
CA ILE A 565 25.62 -7.12 -9.71
C ILE A 565 26.02 -5.72 -9.29
N SER A 566 25.05 -4.83 -9.20
CA SER A 566 25.29 -3.46 -8.77
C SER A 566 24.93 -3.32 -7.29
N ALA A 567 25.50 -2.30 -6.66
CA ALA A 567 25.29 -2.05 -5.24
C ALA A 567 24.96 -0.57 -5.03
N THR A 568 23.89 -0.31 -4.30
CA THR A 568 23.50 1.05 -3.95
C THR A 568 23.85 1.31 -2.50
N ILE A 569 24.60 2.39 -2.26
CA ILE A 569 25.17 2.71 -0.96
C ILE A 569 24.80 4.14 -0.60
N ASN A 570 24.51 4.38 0.67
CA ASN A 570 24.16 5.71 1.18
C ASN A 570 25.24 6.19 2.15
N SER A 571 25.00 7.36 2.75
CA SER A 571 25.99 7.96 3.63
C SER A 571 26.18 7.17 4.93
N LYS A 572 25.23 6.31 5.29
CA LYS A 572 25.28 5.57 6.54
C LYS A 572 25.93 4.20 6.38
N GLY A 573 26.51 3.91 5.22
CA GLY A 573 27.18 2.65 4.99
C GLY A 573 26.29 1.49 4.59
N GLN A 574 24.98 1.71 4.50
CA GLN A 574 24.05 0.64 4.13
C GLN A 574 24.19 0.32 2.65
N VAL A 575 24.05 -0.96 2.31
CA VAL A 575 24.22 -1.44 0.94
C VAL A 575 22.97 -2.20 0.52
N ARG A 576 22.52 -1.97 -0.71
CA ARG A 576 21.37 -2.65 -1.28
C ARG A 576 21.78 -3.35 -2.55
N ILE A 577 21.37 -4.60 -2.69
CA ILE A 577 21.77 -5.47 -3.80
C ILE A 577 20.55 -5.91 -4.59
N PRO A 578 20.31 -5.39 -5.79
CA PRO A 578 19.18 -5.86 -6.60
C PRO A 578 19.55 -7.01 -7.52
N VAL A 579 18.66 -8.00 -7.59
CA VAL A 579 18.84 -9.17 -8.45
C VAL A 579 17.61 -9.31 -9.33
N LYS A 580 17.75 -9.13 -10.62
CA LYS A 580 16.66 -9.25 -11.55
C LYS A 580 16.65 -10.62 -12.11
N PHE A 581 15.50 -11.22 -12.31
CA PHE A 581 15.37 -12.59 -12.78
C PHE A 581 14.14 -12.73 -13.65
N ASP A 582 14.20 -13.66 -14.60
CA ASP A 582 13.08 -13.94 -15.48
C ASP A 582 12.10 -14.89 -14.78
N VAL A 583 10.81 -14.66 -15.01
CA VAL A 583 9.77 -15.42 -14.32
C VAL A 583 8.96 -16.29 -15.27
N GLY A 584 9.27 -16.27 -16.56
CA GLY A 584 8.50 -16.98 -17.55
C GLY A 584 7.88 -16.03 -18.56
N ARG A 585 7.35 -16.61 -19.63
CA ARG A 585 6.68 -15.79 -20.64
C ARG A 585 5.31 -15.31 -20.16
N GLN A 586 4.95 -14.14 -20.67
CA GLN A 586 3.68 -13.48 -20.35
C GLN A 586 2.52 -14.39 -20.69
N LYS A 587 1.59 -14.52 -19.75
CA LYS A 587 0.47 -15.43 -19.93
C LYS A 587 -0.57 -14.82 -20.87
N GLY A 588 -1.23 -15.70 -21.63
CA GLY A 588 -2.40 -15.31 -22.39
C GLY A 588 -3.65 -15.37 -21.55
N THR A 589 -4.78 -14.97 -22.15
CA THR A 589 -6.06 -15.04 -21.45
C THR A 589 -6.40 -16.49 -21.13
N LEU A 590 -7.40 -16.63 -20.26
CA LEU A 590 -7.74 -17.92 -19.65
C LEU A 590 -7.98 -19.01 -20.70
N GLN A 591 -7.18 -20.08 -20.62
CA GLN A 591 -7.49 -21.31 -21.34
C GLN A 591 -8.18 -22.29 -20.40
N ILE A 592 -8.68 -23.37 -20.98
CA ILE A 592 -9.13 -24.50 -20.19
C ILE A 592 -7.92 -25.10 -19.48
N GLY A 593 -8.05 -25.33 -18.19
CA GLY A 593 -6.94 -25.83 -17.39
C GLY A 593 -6.19 -24.75 -16.63
N ASP A 594 -6.41 -23.48 -16.96
CA ASP A 594 -5.88 -22.39 -16.14
C ASP A 594 -6.64 -22.36 -14.81
N ARG A 595 -5.92 -22.19 -13.72
CA ARG A 595 -6.50 -22.15 -12.39
C ARG A 595 -6.38 -20.75 -11.81
N PHE A 596 -7.41 -20.36 -11.06
CA PHE A 596 -7.48 -19.01 -10.51
C PHE A 596 -8.06 -19.07 -9.10
N CYS A 597 -7.80 -18.03 -8.33
CA CYS A 597 -8.21 -18.02 -6.95
C CYS A 597 -8.70 -16.62 -6.56
N GLY A 598 -9.41 -16.58 -5.45
CA GLY A 598 -9.76 -15.32 -4.83
C GLY A 598 -9.48 -15.39 -3.33
N TYR A 599 -9.22 -14.23 -2.74
CA TYR A 599 -9.02 -14.22 -1.30
C TYR A 599 -9.82 -13.11 -0.63
N ASP A 600 -10.40 -13.45 0.51
CA ASP A 600 -11.20 -12.56 1.34
C ASP A 600 -10.41 -12.19 2.59
N GLN A 601 -10.29 -10.89 2.85
CA GLN A 601 -9.55 -10.38 4.00
C GLN A 601 -10.48 -10.19 5.19
N ASN A 602 -10.18 -10.87 6.29
CA ASN A 602 -10.95 -10.77 7.52
C ASN A 602 -10.09 -10.15 8.61
N GLN A 603 -10.75 -9.70 9.69
CA GLN A 603 -10.07 -9.05 10.81
C GLN A 603 -9.85 -10.01 11.97
N THR A 604 -10.92 -10.57 12.52
CA THR A 604 -10.80 -11.47 13.65
C THR A 604 -10.67 -12.93 13.23
N ALA A 605 -11.24 -13.31 12.10
CA ALA A 605 -11.08 -14.65 11.56
C ALA A 605 -10.01 -14.64 10.47
N SER A 606 -9.65 -15.84 10.02
CA SER A 606 -8.58 -15.97 9.03
C SER A 606 -9.02 -15.46 7.67
N HIS A 607 -8.09 -14.87 6.95
CA HIS A 607 -8.22 -14.67 5.51
C HIS A 607 -8.56 -15.99 4.84
N ALA A 608 -9.46 -15.95 3.87
CA ALA A 608 -9.88 -17.16 3.18
C ALA A 608 -9.45 -17.11 1.72
N TYR A 609 -9.21 -18.27 1.14
CA TYR A 609 -8.93 -18.40 -0.28
C TYR A 609 -9.86 -19.43 -0.90
N SER A 610 -10.16 -19.23 -2.18
CA SER A 610 -11.00 -20.13 -2.95
C SER A 610 -10.37 -20.38 -4.31
N LEU A 611 -10.27 -21.65 -4.70
CA LEU A 611 -9.50 -22.14 -5.83
C LEU A 611 -10.42 -22.79 -6.84
N TRP A 612 -10.33 -22.35 -8.10
CA TRP A 612 -11.21 -22.72 -9.19
C TRP A 612 -10.38 -23.06 -10.43
N GLU A 613 -11.00 -23.82 -11.33
CA GLU A 613 -10.37 -24.26 -12.57
C GLU A 613 -11.29 -24.00 -13.76
N VAL A 614 -10.72 -23.54 -14.87
CA VAL A 614 -11.45 -23.42 -16.12
C VAL A 614 -11.49 -24.78 -16.79
N VAL A 615 -12.69 -25.24 -17.08
CA VAL A 615 -12.95 -26.50 -17.70
C VAL A 615 -13.66 -26.46 -19.02
N LYS A 616 -13.46 -27.51 -19.77
CA LYS A 616 -14.10 -27.70 -21.04
C LYS A 616 -15.59 -27.95 -20.92
N GLU A 617 -15.97 -28.70 -19.93
CA GLU A 617 -17.34 -29.03 -19.73
C GLU A 617 -17.71 -28.84 -18.29
N GLY A 618 -18.89 -28.37 -17.99
CA GLY A 618 -19.23 -28.20 -16.61
C GLY A 618 -20.16 -27.06 -16.34
N GLN A 619 -20.04 -26.45 -15.20
CA GLN A 619 -20.87 -25.35 -14.86
C GLN A 619 -20.45 -24.16 -15.65
N TYR A 620 -21.33 -23.57 -16.42
CA TYR A 620 -21.03 -22.37 -17.19
C TYR A 620 -21.15 -21.13 -16.31
N HIS A 621 -20.22 -20.19 -16.50
CA HIS A 621 -20.26 -18.89 -15.87
C HIS A 621 -20.24 -17.82 -16.95
N LYS A 622 -21.24 -16.93 -16.91
CA LYS A 622 -21.42 -15.90 -17.92
C LYS A 622 -20.31 -14.86 -17.86
N GLU A 623 -20.04 -14.32 -16.66
CA GLU A 623 -19.11 -13.21 -16.55
C GLU A 623 -17.71 -13.61 -16.99
N LEU A 624 -17.24 -14.78 -16.57
CA LEU A 624 -16.03 -15.36 -17.14
C LEU A 624 -16.23 -15.79 -18.59
N GLY A 625 -17.46 -16.06 -18.99
CA GLY A 625 -17.72 -16.59 -20.32
C GLY A 625 -17.05 -17.92 -20.56
N CYS A 626 -17.03 -18.79 -19.54
CA CYS A 626 -16.34 -20.07 -19.70
C CYS A 626 -17.01 -21.09 -18.79
N PHE A 627 -16.44 -22.28 -18.73
CA PHE A 627 -16.87 -23.30 -17.78
C PHE A 627 -15.87 -23.35 -16.64
N VAL A 628 -16.40 -23.35 -15.42
CA VAL A 628 -15.57 -23.29 -14.22
C VAL A 628 -15.90 -24.50 -13.34
N ARG A 629 -14.94 -24.85 -12.49
CA ARG A 629 -15.11 -25.93 -11.54
C ARG A 629 -14.41 -25.55 -10.24
N PHE A 630 -15.08 -25.77 -9.12
CA PHE A 630 -14.53 -25.43 -7.83
C PHE A 630 -13.52 -26.49 -7.40
N ILE A 631 -12.31 -26.05 -7.03
CA ILE A 631 -11.30 -26.99 -6.57
C ILE A 631 -11.35 -27.09 -5.06
N SER A 632 -11.08 -25.99 -4.37
CA SER A 632 -11.03 -26.10 -2.90
C SER A 632 -10.94 -24.73 -2.25
N SER A 633 -11.34 -24.67 -0.99
CA SER A 633 -11.31 -23.43 -0.23
C SER A 633 -10.64 -23.67 1.12
N GLY A 634 -10.00 -22.63 1.65
CA GLY A 634 -9.29 -22.81 2.89
C GLY A 634 -8.95 -21.50 3.59
N ASP A 635 -8.36 -21.63 4.77
CA ASP A 635 -7.95 -20.50 5.60
C ASP A 635 -6.48 -20.20 5.37
N ILE A 636 -6.15 -18.93 5.24
CA ILE A 636 -4.76 -18.53 5.09
C ILE A 636 -4.10 -18.54 6.46
N VAL A 637 -2.99 -19.28 6.56
CA VAL A 637 -2.41 -19.71 7.83
C VAL A 637 -0.89 -19.68 7.69
N SER A 638 -0.19 -19.48 8.82
CA SER A 638 1.27 -19.51 8.86
C SER A 638 1.68 -20.22 10.16
N ILE A 639 1.86 -21.54 10.08
CA ILE A 639 2.12 -22.39 11.24
C ILE A 639 3.61 -22.44 11.56
N THR A 640 3.93 -22.32 12.83
CA THR A 640 5.24 -22.72 13.35
C THR A 640 5.05 -23.57 14.60
N GLU A 641 6.04 -24.40 14.90
CA GLU A 641 5.88 -25.43 15.92
C GLU A 641 6.76 -25.19 17.14
N ASN A 642 6.29 -25.70 18.27
CA ASN A 642 7.02 -25.72 19.52
C ASN A 642 6.97 -27.16 20.04
N ARG A 643 8.08 -27.88 19.81
CA ARG A 643 8.23 -29.23 20.32
C ARG A 643 7.04 -30.11 19.92
N GLY A 644 6.64 -30.00 18.66
CA GLY A 644 5.56 -30.77 18.12
C GLY A 644 4.20 -30.08 18.06
N ASN A 645 3.96 -29.09 18.94
CA ASN A 645 2.67 -28.42 18.93
C ASN A 645 2.66 -27.30 17.91
N GLN A 646 1.56 -27.19 17.17
CA GLN A 646 1.45 -26.20 16.10
C GLN A 646 0.83 -24.92 16.63
N PHE A 647 1.24 -23.79 16.04
CA PHE A 647 0.64 -22.50 16.34
C PHE A 647 0.51 -21.73 15.03
N ASP A 648 -0.68 -21.20 14.78
CA ASP A 648 -0.92 -20.31 13.66
C ASP A 648 -0.57 -18.90 14.14
N GLN A 649 0.60 -18.41 13.73
CA GLN A 649 1.06 -17.10 14.18
C GLN A 649 0.06 -16.00 13.82
N LEU A 650 -0.70 -16.19 12.76
CA LEU A 650 -1.66 -15.20 12.34
C LEU A 650 -2.93 -15.15 13.20
N SER A 651 -3.39 -16.31 13.67
CA SER A 651 -4.61 -16.33 14.46
C SER A 651 -4.57 -16.75 15.93
N TYR A 652 -3.42 -17.23 16.42
CA TYR A 652 -3.33 -17.70 17.81
C TYR A 652 -3.84 -16.72 18.86
N GLU A 653 -4.71 -17.19 19.72
CA GLU A 653 -5.36 -16.30 20.69
CA GLU A 653 -5.36 -16.31 20.70
C GLU A 653 -4.81 -16.48 22.10
N GLY A 654 -3.71 -17.23 22.26
CA GLY A 654 -3.15 -17.43 23.57
C GLY A 654 -3.86 -18.51 24.36
N LEU A 655 -3.36 -18.73 25.57
CA LEU A 655 -3.82 -19.82 26.41
C LEU A 655 -5.31 -19.70 26.71
N ALA A 656 -5.98 -20.85 26.81
CA ALA A 656 -7.34 -20.85 27.31
C ALA A 656 -7.35 -20.48 28.79
N TYR A 657 -8.52 -20.06 29.27
CA TYR A 657 -8.69 -19.59 30.64
C TYR A 657 -8.06 -20.54 31.66
N PRO A 658 -8.49 -21.81 31.73
CA PRO A 658 -8.01 -22.68 32.82
C PRO A 658 -6.51 -22.81 32.88
N GLN A 659 -5.81 -22.55 31.78
CA GLN A 659 -4.38 -22.78 31.71
C GLN A 659 -3.53 -21.60 32.18
N TYR A 660 -4.11 -20.47 32.58
CA TYR A 660 -3.22 -19.41 33.06
C TYR A 660 -3.66 -18.85 34.41
N ALA A 661 -4.23 -19.70 35.27
CA ALA A 661 -4.73 -19.26 36.56
C ALA A 661 -3.69 -18.47 37.33
N ASP A 662 -2.47 -19.02 37.45
CA ASP A 662 -1.38 -18.33 38.15
C ASP A 662 -1.29 -16.88 37.71
N TRP A 663 -1.11 -16.67 36.40
CA TRP A 663 -0.98 -15.30 35.88
C TRP A 663 -2.15 -14.45 36.35
N ARG A 664 -3.37 -14.95 36.13
CA ARG A 664 -4.57 -14.21 36.53
C ARG A 664 -4.56 -13.92 38.02
N LYS A 665 -4.29 -14.94 38.83
CA LYS A 665 -4.12 -14.76 40.26
C LYS A 665 -3.26 -13.55 40.61
N LYS A 666 -2.09 -13.43 39.98
CA LYS A 666 -1.22 -12.29 40.29
C LYS A 666 -1.93 -10.97 40.02
N ALA A 667 -2.53 -10.84 38.84
CA ALA A 667 -3.32 -9.65 38.54
C ALA A 667 -4.38 -9.44 39.60
N SER A 668 -5.04 -10.53 40.00
CA SER A 668 -6.03 -10.47 41.06
C SER A 668 -5.46 -9.84 42.32
N LYS A 669 -4.32 -10.30 42.84
CA LYS A 669 -3.76 -9.72 44.05
C LYS A 669 -3.53 -8.23 43.94
N PHE A 670 -3.25 -7.79 42.75
CA PHE A 670 -3.06 -6.36 42.59
C PHE A 670 -4.38 -5.63 42.72
N VAL A 671 -5.42 -6.08 42.01
CA VAL A 671 -6.63 -5.26 41.91
C VAL A 671 -7.37 -5.23 43.23
N SER A 672 -7.21 -6.27 44.06
CA SER A 672 -7.83 -6.26 45.38
C SER A 672 -7.28 -5.15 46.26
N LEU A 673 -6.13 -4.59 45.90
CA LEU A 673 -5.50 -3.53 46.69
C LEU A 673 -5.86 -2.14 46.20
N TRP A 674 -6.62 -2.01 45.13
CA TRP A 674 -6.76 -0.72 44.46
C TRP A 674 -8.20 -0.44 44.06
N GLN A 675 -8.43 0.82 43.71
CA GLN A 675 -9.75 1.35 43.38
C GLN A 675 -9.61 2.31 42.21
N ILE A 676 -10.66 2.57 41.47
CA ILE A 676 -10.70 3.52 40.36
C ILE A 676 -11.28 4.84 40.85
N THR A 677 -10.62 5.94 40.48
CA THR A 677 -11.01 7.28 40.85
C THR A 677 -11.80 7.92 39.71
N LYS A 678 -12.86 8.64 40.08
CA LYS A 678 -13.78 9.22 39.10
C LYS A 678 -14.43 10.45 39.73
N LYS A 679 -14.38 11.59 39.02
CA LYS A 679 -14.85 12.86 39.57
C LYS A 679 -15.57 13.66 38.47
N ASN A 680 -16.72 13.17 38.04
CA ASN A 680 -17.56 13.92 37.11
C ASN A 680 -19.01 13.95 37.59
N LYS A 681 -19.19 14.38 38.83
CA LYS A 681 -20.47 14.93 39.28
C LYS A 681 -20.25 16.42 39.43
N LYS A 682 -19.61 16.79 40.53
CA LYS A 682 -18.99 18.08 40.68
C LYS A 682 -17.48 17.84 40.67
N LYS A 683 -16.75 18.48 41.57
CA LYS A 683 -15.35 18.12 41.79
C LYS A 683 -15.19 17.00 42.82
N GLU A 684 -16.28 16.41 43.26
CA GLU A 684 -16.23 15.36 44.27
C GLU A 684 -15.66 14.07 43.68
N ILE A 685 -14.97 13.32 44.53
CA ILE A 685 -14.24 12.11 44.12
C ILE A 685 -15.08 10.89 44.44
N VAL A 686 -15.20 9.99 43.46
CA VAL A 686 -15.98 8.76 43.58
C VAL A 686 -15.01 7.57 43.49
N THR A 687 -15.25 6.56 44.32
CA THR A 687 -14.36 5.41 44.43
C THR A 687 -15.12 4.13 44.13
N VAL A 688 -14.52 3.28 43.28
CA VAL A 688 -15.03 1.94 43.00
C VAL A 688 -13.86 0.96 43.13
N GLU A 689 -14.11 -0.19 43.71
CA GLU A 689 -13.02 -1.09 43.93
C GLU A 689 -12.74 -1.76 42.62
N ALA A 690 -11.50 -1.73 42.14
CA ALA A 690 -11.17 -2.45 40.90
C ALA A 690 -11.61 -3.92 40.76
N LYS A 691 -11.78 -4.68 41.88
CA LYS A 691 -12.06 -6.09 41.67
C LYS A 691 -13.38 -6.25 40.95
N GLU A 692 -14.29 -5.31 41.14
CA GLU A 692 -15.56 -5.41 40.45
C GLU A 692 -15.32 -5.59 38.96
N LYS A 693 -14.50 -4.70 38.40
CA LYS A 693 -14.16 -4.76 36.98
C LYS A 693 -13.35 -6.01 36.67
N PHE A 694 -12.44 -6.40 37.56
CA PHE A 694 -11.64 -7.59 37.28
C PHE A 694 -12.50 -8.85 37.22
N ASP A 695 -13.46 -8.98 38.13
CA ASP A 695 -14.38 -10.10 38.10
C ASP A 695 -15.23 -10.07 36.83
N ALA A 696 -15.68 -8.89 36.43
CA ALA A 696 -16.42 -8.79 35.17
C ALA A 696 -15.58 -9.26 34.00
N ILE A 697 -14.30 -8.89 33.97
CA ILE A 697 -13.40 -9.32 32.90
C ILE A 697 -13.25 -10.83 32.92
N CYS A 698 -13.05 -11.41 34.10
CA CYS A 698 -12.85 -12.85 34.21
C CYS A 698 -14.15 -13.64 34.08
N LYS A 699 -15.30 -12.98 34.02
CA LYS A 699 -16.58 -13.66 34.08
C LYS A 699 -16.77 -14.60 32.90
N TYR A 700 -16.56 -14.11 31.68
CA TYR A 700 -16.84 -14.87 30.46
C TYR A 700 -15.63 -15.65 29.97
N GLN A 701 -14.70 -15.97 30.87
CA GLN A 701 -13.51 -16.79 30.65
C GLN A 701 -12.83 -16.52 29.32
N PRO A 702 -12.22 -15.35 29.14
CA PRO A 702 -11.49 -15.05 27.90
C PRO A 702 -10.20 -15.83 27.82
N ARG A 703 -9.67 -15.94 26.60
CA ARG A 703 -8.33 -16.48 26.41
C ARG A 703 -7.29 -15.43 26.78
N LEU A 704 -6.01 -15.80 26.66
CA LEU A 704 -4.95 -15.05 27.31
C LEU A 704 -4.85 -13.62 26.77
N TYR A 705 -4.80 -13.46 25.45
CA TYR A 705 -4.47 -12.17 24.87
C TYR A 705 -5.64 -11.18 25.00
N LYS A 706 -6.88 -11.65 24.85
CA LYS A 706 -8.03 -10.80 25.18
C LYS A 706 -8.01 -10.40 26.64
N PHE A 707 -7.71 -11.35 27.53
CA PHE A 707 -7.61 -11.03 28.95
C PHE A 707 -6.58 -9.95 29.19
N ASN A 708 -5.45 -10.02 28.47
CA ASN A 708 -4.37 -9.07 28.69
C ASN A 708 -4.75 -7.68 28.21
N LYS A 709 -5.45 -7.59 27.08
CA LYS A 709 -5.97 -6.29 26.64
C LYS A 709 -6.94 -5.70 27.66
N GLU A 710 -7.88 -6.53 28.13
CA GLU A 710 -8.88 -6.04 29.08
C GLU A 710 -8.21 -5.58 30.38
N TYR A 711 -7.22 -6.35 30.84
CA TYR A 711 -6.49 -6.00 32.05
C TYR A 711 -5.64 -4.75 31.84
N ALA A 712 -5.13 -4.54 30.63
CA ALA A 712 -4.43 -3.29 30.33
C ALA A 712 -5.36 -2.09 30.48
N TYR A 713 -6.60 -2.22 30.05
CA TYR A 713 -7.51 -1.12 30.19
C TYR A 713 -7.79 -0.85 31.63
N LEU A 714 -7.91 -1.91 32.40
CA LEU A 714 -8.18 -1.83 33.81
C LEU A 714 -7.06 -1.14 34.54
N LEU A 715 -5.84 -1.45 34.19
CA LEU A 715 -4.70 -0.82 34.78
C LEU A 715 -4.68 0.64 34.47
N ARG A 716 -5.02 1.02 33.26
CA ARG A 716 -5.08 2.41 32.91
C ARG A 716 -6.13 3.12 33.75
N ASP A 717 -7.27 2.48 33.93
CA ASP A 717 -8.30 3.05 34.75
C ASP A 717 -7.83 3.20 36.20
N ILE A 718 -7.10 2.22 36.72
CA ILE A 718 -6.58 2.30 38.07
C ILE A 718 -5.59 3.46 38.21
N VAL A 719 -4.77 3.67 37.19
CA VAL A 719 -3.79 4.74 37.20
C VAL A 719 -4.35 6.15 37.13
N ARG A 720 -5.59 6.31 36.71
CA ARG A 720 -6.14 7.64 36.45
C ARG A 720 -6.23 8.72 37.52
N GLY A 721 -6.70 8.43 38.71
CA GLY A 721 -6.82 9.52 39.68
C GLY A 721 -5.77 9.57 40.77
N LYS A 722 -4.76 8.73 40.65
CA LYS A 722 -3.75 8.60 41.67
C LYS A 722 -2.72 9.68 41.85
N SER A 723 -2.05 9.61 42.99
CA SER A 723 -0.99 10.49 43.37
C SER A 723 0.33 9.88 43.03
N LEU A 724 1.39 10.63 43.20
CA LEU A 724 2.71 10.16 42.86
C LEU A 724 3.17 8.94 43.62
N VAL A 725 2.86 8.87 44.90
CA VAL A 725 3.26 7.74 45.73
C VAL A 725 2.59 6.47 45.25
N GLU A 726 1.32 6.63 44.95
CA GLU A 726 0.51 5.58 44.46
C GLU A 726 1.04 5.13 43.12
N LEU A 727 1.42 6.06 42.26
CA LEU A 727 1.98 5.75 40.98
C LEU A 727 3.28 5.01 41.11
N GLN A 728 4.12 5.33 42.07
CA GLN A 728 5.35 4.57 42.24
C GLN A 728 5.03 3.09 42.53
N GLN A 729 4.05 2.86 43.40
CA GLN A 729 3.66 1.45 43.62
C GLN A 729 3.07 0.76 42.37
N ILE A 730 2.29 1.57 41.69
CA ILE A 730 1.65 1.14 40.48
C ILE A 730 2.62 0.87 39.37
N ARG A 731 3.74 1.60 39.34
CA ARG A 731 4.80 1.46 38.41
C ARG A 731 5.38 0.12 38.63
N GLN A 732 5.58 -0.30 39.88
CA GLN A 732 6.03 -1.67 40.06
C GLN A 732 5.06 -2.69 39.44
N GLU A 733 3.76 -2.51 39.63
CA GLU A 733 2.85 -3.44 38.91
C GLU A 733 2.86 -3.36 37.38
N ILE A 734 2.97 -2.17 36.83
CA ILE A 734 3.00 -2.00 35.41
C ILE A 734 4.14 -2.73 34.76
N PHE A 735 5.29 -2.73 35.42
CA PHE A 735 6.46 -3.45 34.92
C PHE A 735 6.24 -4.95 34.98
N ARG A 736 5.66 -5.46 36.07
CA ARG A 736 5.41 -6.89 36.15
C ARG A 736 4.48 -7.36 35.02
N PHE A 737 3.41 -6.61 34.78
CA PHE A 737 2.46 -6.98 33.74
C PHE A 737 3.13 -6.96 32.36
N ILE A 738 3.94 -5.94 32.09
CA ILE A 738 4.52 -5.81 30.75
C ILE A 738 5.61 -6.85 30.52
N GLU A 739 6.42 -7.14 31.53
CA GLU A 739 7.70 -7.80 31.31
C GLU A 739 7.78 -9.26 31.75
N GLN A 740 6.94 -9.75 32.62
CA GLN A 740 7.12 -11.13 33.04
C GLN A 740 6.02 -12.04 32.63
N ASP A 741 6.30 -13.34 32.61
CA ASP A 741 5.28 -14.34 32.36
C ASP A 741 4.56 -14.18 31.06
N CYS A 742 3.29 -13.85 31.12
CA CYS A 742 2.53 -13.66 29.92
C CYS A 742 2.42 -12.23 29.38
N GLY A 743 3.33 -11.30 29.68
CA GLY A 743 3.27 -9.95 29.17
C GLY A 743 3.59 -9.92 27.69
N VAL A 744 3.14 -8.83 27.06
CA VAL A 744 3.28 -8.72 25.61
C VAL A 744 4.74 -8.77 25.17
N THR A 745 5.68 -8.50 26.07
CA THR A 745 7.09 -8.57 25.71
C THR A 745 7.64 -10.00 25.66
N ARG A 746 6.86 -10.99 26.12
CA ARG A 746 7.23 -12.39 25.93
C ARG A 746 6.20 -13.20 25.15
N LEU A 747 4.91 -12.90 25.28
CA LEU A 747 3.87 -13.66 24.60
C LEU A 747 2.98 -12.75 23.75
N GLY A 748 2.55 -13.29 22.62
CA GLY A 748 1.62 -12.63 21.73
C GLY A 748 1.84 -13.04 20.30
N SER A 749 0.76 -13.37 19.60
CA SER A 749 0.85 -13.82 18.22
C SER A 749 0.88 -12.60 17.30
N LEU A 750 0.71 -12.85 16.01
CA LEU A 750 0.57 -11.78 15.03
C LEU A 750 -0.88 -11.39 14.79
N SER A 751 -1.80 -11.90 15.61
CA SER A 751 -3.22 -11.60 15.41
C SER A 751 -3.50 -10.12 15.62
N LEU A 752 -4.56 -9.65 14.97
CA LEU A 752 -5.03 -8.27 15.19
C LEU A 752 -5.31 -8.00 16.66
N SER A 753 -5.86 -8.99 17.37
CA SER A 753 -6.15 -8.85 18.80
C SER A 753 -4.88 -8.61 19.62
N THR A 754 -3.79 -9.31 19.29
CA THR A 754 -2.52 -9.10 20.01
C THR A 754 -1.98 -7.70 19.77
N LEU A 755 -2.05 -7.21 18.53
CA LEU A 755 -1.61 -5.85 18.25
C LEU A 755 -2.40 -4.84 19.05
N GLU A 756 -3.73 -5.05 19.12
CA GLU A 756 -4.56 -4.17 19.94
C GLU A 756 -4.20 -4.27 21.41
N THR A 757 -3.81 -5.46 21.89
CA THR A 757 -3.37 -5.61 23.27
C THR A 757 -2.12 -4.78 23.56
N VAL A 758 -1.13 -4.85 22.66
CA VAL A 758 0.10 -4.07 22.86
C VAL A 758 -0.22 -2.58 22.84
N LYS A 759 -1.16 -2.18 21.98
CA LYS A 759 -1.59 -0.78 21.96
C LYS A 759 -2.22 -0.37 23.30
N ALA A 760 -3.03 -1.24 23.89
CA ALA A 760 -3.65 -0.94 25.17
C ALA A 760 -2.60 -0.80 26.28
N VAL A 761 -1.55 -1.62 26.22
CA VAL A 761 -0.47 -1.50 27.20
C VAL A 761 0.24 -0.15 27.06
N LYS A 762 0.52 0.26 25.82
CA LYS A 762 1.00 1.62 25.61
C LYS A 762 0.05 2.64 26.22
N GLY A 763 -1.26 2.40 26.10
CA GLY A 763 -2.22 3.28 26.72
C GLY A 763 -2.03 3.39 28.22
N ILE A 764 -1.72 2.27 28.88
CA ILE A 764 -1.43 2.31 30.31
C ILE A 764 -0.30 3.29 30.58
N ILE A 765 0.80 3.14 29.84
CA ILE A 765 1.97 3.98 30.13
C ILE A 765 1.66 5.45 29.82
N TYR A 766 0.92 5.70 28.74
CA TYR A 766 0.54 7.06 28.40
C TYR A 766 -0.28 7.71 29.51
N SER A 767 -1.26 6.97 30.05
CA SER A 767 -2.06 7.50 31.16
C SER A 767 -1.18 7.75 32.38
N TYR A 768 -0.25 6.84 32.65
CA TYR A 768 0.70 7.06 33.74
C TYR A 768 1.38 8.41 33.61
N PHE A 769 1.92 8.70 32.42
CA PHE A 769 2.63 9.97 32.23
C PHE A 769 1.68 11.16 32.33
N SER A 770 0.47 11.04 31.76
CA SER A 770 -0.46 12.17 31.80
C SER A 770 -0.85 12.53 33.23
N THR A 771 -1.21 11.52 34.04
CA THR A 771 -1.62 11.80 35.41
C THR A 771 -0.45 12.27 36.26
N ALA A 772 0.72 11.67 36.07
CA ALA A 772 1.88 12.03 36.90
C ALA A 772 2.27 13.48 36.71
N LEU A 773 2.23 13.97 35.47
CA LEU A 773 2.63 15.34 35.16
C LEU A 773 1.45 16.30 35.10
N ASN A 774 0.28 15.88 35.61
CA ASN A 774 -0.92 16.72 35.69
C ASN A 774 -1.27 17.32 34.34
N ALA A 775 -1.57 16.50 33.36
CA ALA A 775 -1.85 17.04 32.05
C ALA A 775 -3.23 17.60 31.91
N SER A 776 -3.33 18.65 31.13
CA SER A 776 -4.57 19.34 30.94
C SER A 776 -4.57 20.05 29.62
N LYS A 777 -5.67 20.67 29.26
CA LYS A 777 -5.73 21.44 28.04
C LYS A 777 -4.80 22.63 28.12
N ASN A 778 -4.72 23.24 29.28
CA ASN A 778 -3.84 24.36 29.43
C ASN A 778 -2.47 23.99 29.91
N ASN A 779 -2.26 22.71 30.13
CA ASN A 779 -0.96 22.25 30.48
C ASN A 779 -0.62 21.05 29.61
N PRO A 780 -0.20 21.24 28.39
CA PRO A 780 0.13 20.08 27.57
C PRO A 780 1.47 19.51 27.97
N ILE A 781 1.70 18.23 27.83
CA ILE A 781 2.99 17.72 28.21
C ILE A 781 3.73 17.20 27.04
N SER A 782 5.04 17.15 27.18
CA SER A 782 5.88 16.71 26.12
C SER A 782 6.65 15.49 26.44
N ASP A 783 7.41 15.09 25.44
CA ASP A 783 8.23 13.94 25.50
C ASP A 783 9.42 14.25 26.34
N GLU A 784 9.94 15.46 26.24
CA GLU A 784 11.03 15.86 27.10
C GLU A 784 10.65 15.68 28.56
N GLN A 785 9.45 16.15 28.93
CA GLN A 785 8.98 16.03 30.30
C GLN A 785 8.76 14.56 30.68
N ARG A 786 8.15 13.79 29.79
CA ARG A 786 7.92 12.36 30.07
C ARG A 786 9.24 11.64 30.32
N LYS A 787 10.23 11.88 29.46
CA LYS A 787 11.52 11.21 29.60
C LYS A 787 12.24 11.66 30.87
N GLU A 788 12.20 12.95 31.18
CA GLU A 788 12.82 13.42 32.42
C GLU A 788 12.19 12.77 33.64
N PHE A 789 10.86 12.62 33.64
CA PHE A 789 10.18 12.06 34.79
C PHE A 789 10.54 10.60 35.01
N ASP A 790 10.45 9.77 33.97
CA ASP A 790 10.68 8.33 34.10
C ASP A 790 11.27 7.80 32.80
N PRO A 791 12.61 7.83 32.67
CA PRO A 791 13.23 7.41 31.39
C PRO A 791 12.95 5.97 31.00
N GLU A 792 12.95 5.04 31.97
CA GLU A 792 12.76 3.62 31.65
C GLU A 792 11.40 3.36 31.02
N LEU A 793 10.35 3.91 31.61
CA LEU A 793 9.00 3.62 31.16
C LEU A 793 8.69 4.36 29.87
N PHE A 794 9.24 5.57 29.74
CA PHE A 794 9.20 6.26 28.46
C PHE A 794 9.88 5.44 27.36
N ALA A 795 10.98 4.76 27.70
CA ALA A 795 11.63 3.87 26.74
C ALA A 795 10.71 2.70 26.39
N LEU A 796 9.99 2.17 27.38
CA LEU A 796 9.02 1.11 27.08
C LEU A 796 7.96 1.55 26.08
N LEU A 797 7.57 2.83 26.09
CA LEU A 797 6.63 3.29 25.06
C LEU A 797 7.15 2.98 23.66
N GLU A 798 8.38 3.41 23.37
CA GLU A 798 8.98 3.16 22.07
C GLU A 798 9.17 1.67 21.81
N LYS A 799 9.55 0.93 22.86
CA LYS A 799 9.77 -0.51 22.69
C LYS A 799 8.48 -1.23 22.28
N LEU A 800 7.36 -0.88 22.93
CA LEU A 800 6.08 -1.48 22.57
C LEU A 800 5.69 -1.13 21.14
N GLU A 801 5.89 0.12 20.74
CA GLU A 801 5.53 0.48 19.37
C GLU A 801 6.42 -0.26 18.36
N LEU A 802 7.71 -0.44 18.67
CA LEU A 802 8.57 -1.22 17.79
C LEU A 802 8.13 -2.67 17.71
N ILE A 803 7.67 -3.23 18.83
CA ILE A 803 7.13 -4.59 18.83
C ILE A 803 5.97 -4.68 17.85
N ARG A 804 5.05 -3.71 17.92
CA ARG A 804 3.92 -3.73 17.00
C ARG A 804 4.36 -3.59 15.55
N THR A 805 5.32 -2.69 15.28
CA THR A 805 5.79 -2.49 13.92
C THR A 805 6.39 -3.77 13.35
N ARG A 806 7.23 -4.45 14.14
CA ARG A 806 7.85 -5.68 13.68
C ARG A 806 6.82 -6.78 13.47
N LYS A 807 5.87 -6.91 14.40
CA LYS A 807 4.78 -7.87 14.21
C LYS A 807 4.06 -7.62 12.90
N LYS A 808 3.74 -6.36 12.61
CA LYS A 808 2.93 -6.05 11.44
C LYS A 808 3.69 -6.34 10.15
N LYS A 809 4.98 -6.00 10.10
CA LYS A 809 5.77 -6.29 8.91
C LYS A 809 5.91 -7.80 8.69
N GLN A 810 6.21 -8.53 9.72
CA GLN A 810 6.32 -9.94 9.63
C GLN A 810 5.02 -10.57 9.23
N LYS A 811 3.92 -10.01 9.70
CA LYS A 811 2.59 -10.55 9.43
C LYS A 811 2.22 -10.37 7.97
N VAL A 812 2.45 -9.18 7.43
CA VAL A 812 2.15 -8.94 6.01
C VAL A 812 2.98 -9.89 5.15
N GLU A 813 4.25 -10.04 5.48
CA GLU A 813 5.10 -10.97 4.73
C GLU A 813 4.56 -12.40 4.82
N ARG A 814 4.13 -12.82 6.01
CA ARG A 814 3.70 -14.21 6.19
C ARG A 814 2.38 -14.48 5.47
N ILE A 815 1.44 -13.53 5.50
CA ILE A 815 0.19 -13.72 4.77
C ILE A 815 0.47 -13.89 3.29
N ALA A 816 1.32 -13.01 2.73
CA ALA A 816 1.63 -13.12 1.31
C ALA A 816 2.31 -14.46 1.01
N ASN A 817 3.23 -14.89 1.88
CA ASN A 817 3.89 -16.17 1.69
C ASN A 817 2.90 -17.33 1.68
N SER A 818 1.99 -17.35 2.65
CA SER A 818 1.04 -18.45 2.73
C SER A 818 0.17 -18.53 1.48
N LEU A 819 -0.33 -17.38 1.01
CA LEU A 819 -1.19 -17.41 -0.17
C LEU A 819 -0.40 -17.82 -1.42
N ILE A 820 0.82 -17.29 -1.58
CA ILE A 820 1.61 -17.61 -2.76
C ILE A 820 2.00 -19.10 -2.76
N GLN A 821 2.27 -19.65 -1.58
CA GLN A 821 2.65 -21.05 -1.49
C GLN A 821 1.44 -21.95 -1.76
N THR A 822 0.25 -21.53 -1.33
CA THR A 822 -0.97 -22.21 -1.75
C THR A 822 -1.13 -22.18 -3.27
N CYS A 823 -0.84 -21.03 -3.89
CA CYS A 823 -0.96 -20.92 -5.34
C CYS A 823 0.03 -21.84 -6.06
N LEU A 824 1.29 -21.83 -5.61
CA LEU A 824 2.31 -22.67 -6.23
C LEU A 824 1.96 -24.16 -6.10
N GLU A 825 1.42 -24.55 -4.96
CA GLU A 825 1.08 -25.95 -4.72
C GLU A 825 -0.14 -26.44 -5.51
N ASN A 826 -1.05 -25.54 -5.80
CA ASN A 826 -2.24 -25.87 -6.58
C ASN A 826 -2.20 -25.29 -7.99
N ASN A 827 -1.02 -24.87 -8.47
CA ASN A 827 -0.82 -24.47 -9.86
C ASN A 827 -1.76 -23.33 -10.25
N ILE A 828 -1.76 -22.27 -9.44
CA ILE A 828 -2.65 -21.12 -9.64
C ILE A 828 -1.88 -20.04 -10.37
N LYS A 829 -2.46 -19.52 -11.46
CA LYS A 829 -1.84 -18.47 -12.24
C LYS A 829 -2.48 -17.10 -12.05
N PHE A 830 -3.68 -17.03 -11.49
CA PHE A 830 -4.39 -15.77 -11.32
C PHE A 830 -4.94 -15.67 -9.91
N ILE A 831 -4.82 -14.48 -9.33
CA ILE A 831 -5.35 -14.17 -8.01
C ILE A 831 -6.24 -12.94 -8.14
N ARG A 832 -7.42 -12.99 -7.54
CA ARG A 832 -8.25 -11.82 -7.35
C ARG A 832 -8.31 -11.45 -5.87
N GLY A 833 -8.18 -10.16 -5.61
CA GLY A 833 -8.28 -9.64 -4.26
C GLY A 833 -9.03 -8.33 -4.25
N GLU A 834 -9.67 -8.06 -3.12
CA GLU A 834 -10.34 -6.78 -2.92
C GLU A 834 -9.30 -5.66 -2.92
N GLY A 835 -9.30 -4.83 -3.95
CA GLY A 835 -8.40 -3.69 -4.01
C GLY A 835 -9.09 -2.44 -3.52
N ASP A 836 -10.17 -2.63 -2.75
CA ASP A 836 -11.17 -1.60 -2.50
C ASP A 836 -11.33 -1.26 -1.03
N LEU A 837 -10.66 -1.96 -0.13
CA LEU A 837 -11.03 -1.95 1.28
C LEU A 837 -10.74 -0.59 1.92
N SER A 838 -11.60 -0.23 2.88
CA SER A 838 -11.52 1.06 3.55
C SER A 838 -10.26 1.17 4.40
N THR A 839 -9.68 2.38 4.47
CA THR A 839 -8.61 2.60 5.43
C THR A 839 -9.09 3.28 6.70
N THR A 840 -9.48 4.56 6.63
CA THR A 840 -9.85 5.40 7.77
C THR A 840 -10.47 6.67 7.21
N ASN A 841 -11.45 7.23 7.91
CA ASN A 841 -12.13 8.41 7.42
C ASN A 841 -12.96 9.03 8.53
N ASN A 842 -13.28 10.33 8.40
CA ASN A 842 -13.97 11.00 9.50
C ASN A 842 -15.35 10.44 9.81
N ALA A 843 -15.99 9.75 8.85
CA ALA A 843 -17.35 9.25 9.04
C ALA A 843 -17.39 7.95 9.82
N THR A 844 -16.24 7.43 10.23
CA THR A 844 -16.13 6.13 10.87
C THR A 844 -15.73 6.30 12.33
N LYS A 845 -16.25 5.41 13.18
CA LYS A 845 -15.93 5.46 14.59
C LYS A 845 -14.43 5.30 14.82
N LYS A 846 -13.93 6.00 15.81
CA LYS A 846 -12.50 5.98 16.07
C LYS A 846 -11.98 4.61 16.46
N LYS A 847 -12.80 3.83 17.15
CA LYS A 847 -12.39 2.47 17.48
C LYS A 847 -12.23 1.63 16.23
N ALA A 848 -13.22 1.69 15.32
CA ALA A 848 -13.12 0.94 14.08
C ALA A 848 -11.96 1.44 13.22
N ASN A 849 -11.75 2.76 13.21
CA ASN A 849 -10.64 3.32 12.45
C ASN A 849 -9.30 2.83 13.00
N SER A 850 -9.15 2.80 14.32
CA SER A 850 -7.91 2.30 14.92
C SER A 850 -7.70 0.83 14.60
N ARG A 851 -8.76 0.03 14.69
CA ARG A 851 -8.66 -1.38 14.31
C ARG A 851 -8.23 -1.51 12.85
N SER A 852 -8.81 -0.71 11.96
CA SER A 852 -8.46 -0.79 10.55
C SER A 852 -7.00 -0.40 10.32
N MET A 853 -6.51 0.58 11.10
CA MET A 853 -5.10 0.93 11.04
C MET A 853 -4.23 -0.29 11.37
N ASP A 854 -4.64 -1.08 12.35
CA ASP A 854 -3.89 -2.32 12.60
C ASP A 854 -4.27 -3.47 11.67
N TRP A 855 -5.31 -3.31 10.84
CA TRP A 855 -5.75 -4.39 9.97
C TRP A 855 -4.83 -4.58 8.77
N LEU A 856 -4.39 -3.48 8.15
CA LEU A 856 -3.41 -3.51 7.06
C LEU A 856 -3.94 -4.24 5.83
N ALA A 857 -5.21 -4.01 5.50
CA ALA A 857 -5.78 -4.63 4.30
C ALA A 857 -5.01 -4.23 3.05
N ARG A 858 -4.79 -2.93 2.87
CA ARG A 858 -4.05 -2.45 1.71
C ARG A 858 -2.62 -2.97 1.70
N GLY A 859 -1.97 -3.02 2.86
CA GLY A 859 -0.62 -3.54 2.92
C GLY A 859 -0.53 -5.00 2.51
N VAL A 860 -1.49 -5.80 2.96
CA VAL A 860 -1.55 -7.20 2.56
C VAL A 860 -1.72 -7.32 1.05
N PHE A 861 -2.64 -6.52 0.49
CA PHE A 861 -2.85 -6.56 -0.96
C PHE A 861 -1.57 -6.16 -1.69
N ASN A 862 -0.87 -5.13 -1.20
CA ASN A 862 0.35 -4.68 -1.84
C ASN A 862 1.44 -5.75 -1.77
N LYS A 863 1.52 -6.46 -0.66
CA LYS A 863 2.53 -7.51 -0.53
C LYS A 863 2.24 -8.66 -1.50
N ILE A 864 0.98 -9.07 -1.61
CA ILE A 864 0.64 -10.12 -2.58
C ILE A 864 0.95 -9.64 -3.98
N ARG A 865 0.68 -8.36 -4.27
CA ARG A 865 1.02 -7.77 -5.56
C ARG A 865 2.52 -7.81 -5.80
N GLN A 866 3.31 -7.65 -4.74
CA GLN A 866 4.77 -7.66 -4.89
C GLN A 866 5.28 -9.06 -5.15
N LEU A 867 4.71 -10.06 -4.46
CA LEU A 867 5.26 -11.42 -4.56
C LEU A 867 4.75 -12.20 -5.76
N ALA A 868 3.48 -12.01 -6.16
CA ALA A 868 2.90 -12.83 -7.22
C ALA A 868 3.69 -12.79 -8.54
N PRO A 869 4.11 -11.62 -9.06
CA PRO A 869 4.84 -11.64 -10.35
C PRO A 869 6.21 -12.29 -10.26
N MET A 870 6.70 -12.60 -9.05
CA MET A 870 7.95 -13.34 -8.91
C MET A 870 7.79 -14.80 -9.29
N HIS A 871 6.55 -15.27 -9.46
CA HIS A 871 6.27 -16.62 -9.94
C HIS A 871 5.34 -16.60 -11.14
N ASN A 872 5.33 -15.48 -11.88
CA ASN A 872 4.48 -15.27 -13.04
C ASN A 872 3.00 -15.47 -12.71
N ILE A 873 2.62 -15.10 -11.48
CA ILE A 873 1.22 -15.11 -11.06
C ILE A 873 0.67 -13.69 -11.19
N THR A 874 -0.43 -13.55 -11.92
CA THR A 874 -1.08 -12.27 -12.10
C THR A 874 -2.03 -11.99 -10.94
N LEU A 875 -2.02 -10.75 -10.44
CA LEU A 875 -2.96 -10.32 -9.42
C LEU A 875 -3.86 -9.23 -9.99
N PHE A 876 -5.16 -9.39 -9.80
CA PHE A 876 -6.16 -8.40 -10.17
C PHE A 876 -6.86 -7.89 -8.92
N GLY A 877 -7.03 -6.57 -8.86
CA GLY A 877 -7.87 -5.96 -7.86
C GLY A 877 -9.32 -5.90 -8.33
N CYS A 878 -10.23 -6.10 -7.39
CA CYS A 878 -11.65 -6.05 -7.68
C CYS A 878 -12.37 -5.29 -6.59
N GLY A 879 -13.51 -4.69 -6.95
CA GLY A 879 -14.32 -4.03 -5.96
C GLY A 879 -14.87 -5.02 -4.95
N SER A 880 -14.79 -4.64 -3.67
CA SER A 880 -15.22 -5.52 -2.59
C SER A 880 -16.72 -5.52 -2.36
N LEU A 881 -17.44 -4.59 -2.97
CA LEU A 881 -18.88 -4.43 -2.70
C LEU A 881 -19.66 -5.71 -2.99
N TYR A 882 -20.45 -6.12 -2.01
CA TYR A 882 -21.40 -7.23 -2.06
C TYR A 882 -20.73 -8.59 -2.23
N THR A 883 -19.40 -8.67 -2.15
CA THR A 883 -18.72 -9.95 -2.29
C THR A 883 -18.98 -10.90 -1.13
N SER A 884 -19.52 -10.42 -0.01
CA SER A 884 -19.86 -11.28 1.11
C SER A 884 -21.28 -11.83 1.05
N HIS A 885 -22.08 -11.40 0.07
CA HIS A 885 -23.48 -11.78 0.02
C HIS A 885 -23.91 -12.40 -1.31
N GLN A 886 -23.09 -12.32 -2.36
CA GLN A 886 -23.45 -12.94 -3.63
C GLN A 886 -23.48 -14.46 -3.50
N ASP A 887 -24.39 -15.08 -4.26
CA ASP A 887 -24.49 -16.52 -4.30
C ASP A 887 -23.56 -17.03 -5.39
N PRO A 888 -22.46 -17.72 -5.04
CA PRO A 888 -21.48 -18.10 -6.06
C PRO A 888 -22.08 -18.99 -7.13
N LEU A 889 -21.67 -18.73 -8.37
CA LEU A 889 -22.11 -19.44 -9.57
C LEU A 889 -23.55 -19.12 -9.95
N VAL A 890 -24.25 -18.35 -9.12
CA VAL A 890 -25.60 -17.91 -9.40
C VAL A 890 -25.66 -16.41 -9.65
N HIS A 891 -24.91 -15.63 -8.87
CA HIS A 891 -24.90 -14.18 -9.04
C HIS A 891 -24.32 -13.80 -10.39
N ARG A 892 -25.07 -13.00 -11.14
CA ARG A 892 -24.72 -12.58 -12.51
C ARG A 892 -24.58 -13.78 -13.44
N ASN A 893 -25.28 -14.86 -13.13
CA ASN A 893 -25.29 -16.07 -13.96
C ASN A 893 -26.72 -16.55 -14.12
N PRO A 894 -27.58 -15.78 -14.79
CA PRO A 894 -27.36 -14.52 -15.51
C PRO A 894 -27.69 -13.26 -14.73
N ASP A 895 -28.31 -13.44 -13.58
CA ASP A 895 -28.79 -12.32 -12.83
C ASP A 895 -28.19 -12.27 -11.44
N LYS A 896 -28.47 -11.14 -10.81
CA LYS A 896 -28.01 -10.82 -9.50
C LYS A 896 -28.69 -11.66 -8.48
N ALA A 897 -27.90 -12.28 -7.61
CA ALA A 897 -28.43 -13.16 -6.57
C ALA A 897 -27.65 -12.98 -5.27
N MET A 898 -28.33 -12.59 -4.20
CA MET A 898 -27.69 -12.29 -2.93
C MET A 898 -28.53 -12.83 -1.78
N LYS A 899 -27.85 -13.20 -0.71
CA LYS A 899 -28.47 -13.78 0.46
C LYS A 899 -27.83 -13.16 1.69
N CYS A 900 -28.53 -13.28 2.83
CA CYS A 900 -27.98 -12.83 4.08
C CYS A 900 -26.92 -13.81 4.57
N ARG A 901 -26.25 -13.44 5.66
CA ARG A 901 -25.28 -14.29 6.32
C ARG A 901 -25.88 -14.80 7.64
N TRP A 902 -25.39 -15.96 8.08
CA TRP A 902 -25.99 -16.66 9.21
C TRP A 902 -24.94 -17.05 10.23
N ALA A 903 -25.40 -17.27 11.45
CA ALA A 903 -24.59 -17.82 12.53
C ALA A 903 -25.31 -19.02 13.13
N ALA A 904 -24.53 -19.93 13.71
CA ALA A 904 -25.04 -21.16 14.32
C ALA A 904 -24.96 -21.01 15.84
N ILE A 905 -26.12 -20.61 16.44
CA ILE A 905 -26.19 -20.33 17.88
C ILE A 905 -26.91 -21.50 18.54
N PRO A 906 -26.37 -22.08 19.61
CA PRO A 906 -27.16 -23.03 20.40
C PRO A 906 -28.39 -22.35 20.97
N VAL A 907 -29.46 -23.12 21.13
CA VAL A 907 -30.71 -22.52 21.59
C VAL A 907 -30.54 -21.90 22.96
N LYS A 908 -29.77 -22.53 23.85
CA LYS A 908 -29.58 -21.99 25.18
C LYS A 908 -28.86 -20.64 25.15
N ASP A 909 -28.01 -20.42 24.16
CA ASP A 909 -27.23 -19.19 24.05
C ASP A 909 -27.97 -18.07 23.32
N ILE A 910 -29.25 -18.26 22.99
CA ILE A 910 -30.02 -17.25 22.29
C ILE A 910 -30.44 -16.20 23.31
N GLY A 911 -29.73 -15.07 23.36
CA GLY A 911 -29.98 -14.03 24.33
C GLY A 911 -30.73 -12.85 23.75
N ASP A 912 -30.95 -11.85 24.61
CA ASP A 912 -31.64 -10.64 24.20
C ASP A 912 -30.96 -9.93 23.03
N TRP A 913 -29.71 -10.15 22.82
CA TRP A 913 -29.02 -9.60 21.66
C TRP A 913 -29.50 -10.24 20.36
N VAL A 914 -29.77 -11.54 20.41
CA VAL A 914 -30.34 -12.22 19.24
C VAL A 914 -31.69 -11.62 18.89
N LEU A 915 -32.53 -11.37 19.91
CA LEU A 915 -33.83 -10.76 19.68
C LEU A 915 -33.69 -9.35 19.14
N ARG A 916 -32.70 -8.65 19.66
CA ARG A 916 -32.40 -7.31 19.23
C ARG A 916 -32.11 -7.40 17.77
N LYS A 917 -31.14 -8.23 17.41
CA LYS A 917 -30.78 -8.36 16.02
C LYS A 917 -31.96 -8.86 15.20
N LEU A 918 -32.67 -9.87 15.68
CA LEU A 918 -33.78 -10.39 14.89
C LEU A 918 -34.83 -9.32 14.68
N SER A 919 -35.16 -8.59 15.74
CA SER A 919 -36.20 -7.58 15.59
C SER A 919 -35.79 -6.53 14.64
N GLN A 920 -34.54 -6.11 14.80
CA GLN A 920 -34.04 -5.05 13.99
C GLN A 920 -34.05 -5.49 12.59
N ASN A 921 -33.58 -6.68 12.27
CA ASN A 921 -33.54 -7.12 10.89
C ASN A 921 -34.92 -7.21 10.28
N LEU A 922 -35.88 -7.69 11.05
CA LEU A 922 -37.21 -7.79 10.52
C LEU A 922 -37.81 -6.44 10.16
N ARG A 923 -37.76 -5.49 11.06
CA ARG A 923 -38.34 -4.18 10.79
C ARG A 923 -37.36 -3.31 10.03
N ALA A 924 -36.36 -3.95 9.45
CA ALA A 924 -35.30 -3.26 8.75
C ALA A 924 -35.26 -3.36 7.23
N LYS A 925 -36.39 -3.65 6.59
CA LYS A 925 -36.38 -3.75 5.13
C LYS A 925 -35.95 -2.39 4.62
N ASN A 926 -34.98 -2.42 3.72
CA ASN A 926 -34.37 -1.20 3.24
C ASN A 926 -33.59 -1.49 1.98
N ILE A 927 -32.94 -0.46 1.45
CA ILE A 927 -32.08 -0.58 0.29
C ILE A 927 -30.74 -1.18 0.74
N GLY A 928 -29.96 -1.68 -0.19
CA GLY A 928 -28.71 -2.27 0.22
C GLY A 928 -28.96 -3.66 0.75
N THR A 929 -28.04 -4.15 1.55
CA THR A 929 -28.14 -5.48 2.11
C THR A 929 -29.22 -5.75 3.14
N GLY A 930 -29.91 -4.74 3.63
CA GLY A 930 -30.91 -5.00 4.66
C GLY A 930 -31.99 -5.92 4.16
N GLU A 931 -32.39 -5.72 2.91
CA GLU A 931 -33.38 -6.56 2.28
C GLU A 931 -33.07 -8.05 2.41
N TYR A 932 -31.79 -8.43 2.40
CA TYR A 932 -31.45 -9.83 2.42
C TYR A 932 -31.52 -10.35 3.85
N TYR A 933 -31.25 -9.47 4.83
CA TYR A 933 -31.37 -9.85 6.22
C TYR A 933 -32.82 -9.81 6.69
N HIS A 934 -33.63 -8.87 6.17
CA HIS A 934 -35.05 -8.94 6.41
C HIS A 934 -35.65 -10.23 5.85
N GLN A 935 -35.25 -10.59 4.62
CA GLN A 935 -35.64 -11.85 4.01
C GLN A 935 -35.16 -13.04 4.82
N GLY A 936 -33.92 -12.97 5.34
CA GLY A 936 -33.42 -14.05 6.15
C GLY A 936 -34.21 -14.23 7.43
N VAL A 937 -34.64 -13.14 8.04
CA VAL A 937 -35.52 -13.23 9.20
C VAL A 937 -36.85 -13.86 8.80
N LYS A 938 -37.39 -13.47 7.65
CA LYS A 938 -38.63 -14.06 7.14
C LYS A 938 -38.49 -15.57 7.00
N GLU A 939 -37.41 -16.01 6.33
CA GLU A 939 -37.15 -17.44 6.13
C GLU A 939 -36.92 -18.14 7.46
N PHE A 940 -36.24 -17.48 8.40
CA PHE A 940 -36.00 -18.04 9.72
C PHE A 940 -37.32 -18.34 10.43
N LEU A 941 -38.23 -17.37 10.41
CA LEU A 941 -39.54 -17.57 11.04
C LEU A 941 -40.30 -18.69 10.35
N SER A 942 -40.28 -18.73 9.02
CA SER A 942 -40.97 -19.78 8.29
C SER A 942 -40.40 -21.16 8.63
N HIS A 943 -39.08 -21.30 8.56
CA HIS A 943 -38.44 -22.60 8.81
C HIS A 943 -38.69 -23.08 10.22
N TYR A 944 -38.58 -22.20 11.20
CA TYR A 944 -38.79 -22.62 12.59
C TYR A 944 -40.24 -22.48 13.04
N GLU A 945 -41.15 -22.16 12.12
CA GLU A 945 -42.58 -22.04 12.44
C GLU A 945 -42.81 -21.16 13.67
N LEU A 946 -42.15 -20.00 13.68
CA LEU A 946 -42.29 -19.00 14.74
C LEU A 946 -42.94 -17.73 14.20
N GLN A 947 -43.81 -17.86 13.19
CA GLN A 947 -44.35 -16.70 12.53
C GLN A 947 -45.30 -15.91 13.45
N ASP A 948 -45.99 -16.61 14.36
CA ASP A 948 -46.83 -15.92 15.34
C ASP A 948 -46.02 -14.90 16.13
N LEU A 949 -44.76 -15.23 16.42
CA LEU A 949 -43.91 -14.31 17.18
C LEU A 949 -43.61 -13.04 16.37
N GLU A 950 -43.53 -13.15 15.04
CA GLU A 950 -43.13 -12.05 14.18
C GLU A 950 -43.71 -10.72 14.62
N GLU A 951 -45.04 -10.69 14.78
CA GLU A 951 -45.73 -9.46 15.15
C GLU A 951 -45.09 -8.82 16.37
N GLU A 952 -45.16 -9.50 17.52
CA GLU A 952 -44.61 -8.89 18.71
C GLU A 952 -43.09 -8.79 18.60
N LEU A 953 -42.48 -9.63 17.77
CA LEU A 953 -41.02 -9.60 17.61
C LEU A 953 -40.61 -8.28 16.95
N LEU A 954 -41.53 -7.69 16.17
CA LEU A 954 -41.32 -6.41 15.51
C LEU A 954 -41.48 -5.23 16.47
N LYS A 955 -42.19 -5.41 17.58
CA LYS A 955 -42.36 -4.35 18.55
C LYS A 955 -41.21 -4.32 19.55
N TRP A 956 -40.21 -5.18 19.35
CA TRP A 956 -39.09 -5.28 20.28
C TRP A 956 -38.22 -4.03 20.12
N ARG A 957 -38.13 -3.24 21.18
CA ARG A 957 -37.07 -2.24 21.30
C ARG A 957 -36.26 -2.57 22.55
N SER A 958 -35.04 -2.06 22.59
CA SER A 958 -34.21 -2.27 23.78
C SER A 958 -34.82 -1.56 24.97
N ASP A 959 -34.85 -2.26 26.12
CA ASP A 959 -35.29 -1.81 27.44
C ASP A 959 -36.80 -1.83 27.67
N ARG A 960 -37.63 -2.18 26.68
CA ARG A 960 -39.06 -2.25 26.92
C ARG A 960 -39.36 -3.40 27.89
N LYS A 961 -40.10 -3.08 28.96
CA LYS A 961 -40.42 -4.10 29.96
C LYS A 961 -41.36 -5.14 29.40
N SER A 962 -42.21 -4.76 28.43
CA SER A 962 -43.13 -5.68 27.79
C SER A 962 -42.53 -6.35 26.54
N ASN A 963 -41.20 -6.42 26.46
CA ASN A 963 -40.55 -7.14 25.38
C ASN A 963 -40.68 -8.65 25.61
N ILE A 964 -40.68 -9.39 24.51
CA ILE A 964 -40.69 -10.85 24.62
C ILE A 964 -39.37 -11.31 25.23
N PRO A 965 -39.40 -12.18 26.24
CA PRO A 965 -38.14 -12.65 26.84
C PRO A 965 -37.41 -13.65 25.97
N CYS A 966 -36.17 -13.95 26.37
CA CYS A 966 -35.35 -14.93 25.67
C CYS A 966 -35.93 -16.32 25.83
N TRP A 967 -36.46 -16.62 27.02
CA TRP A 967 -37.01 -17.93 27.30
C TRP A 967 -38.11 -18.31 26.30
N VAL A 968 -38.82 -17.31 25.77
CA VAL A 968 -39.89 -17.59 24.81
C VAL A 968 -39.33 -18.25 23.55
N LEU A 969 -38.41 -17.56 22.88
CA LEU A 969 -37.81 -18.11 21.66
C LEU A 969 -37.04 -19.38 21.97
N GLN A 970 -36.31 -19.40 23.09
CA GLN A 970 -35.55 -20.60 23.43
C GLN A 970 -36.47 -21.79 23.62
N ASN A 971 -37.62 -21.59 24.25
CA ASN A 971 -38.53 -22.69 24.51
C ASN A 971 -39.22 -23.16 23.25
N ARG A 972 -39.58 -22.25 22.34
CA ARG A 972 -40.12 -22.71 21.06
C ARG A 972 -39.09 -23.50 20.26
N LEU A 973 -37.85 -22.99 20.20
CA LEU A 973 -36.81 -23.68 19.44
C LEU A 973 -36.43 -25.01 20.07
N ALA A 974 -36.39 -25.09 21.40
CA ALA A 974 -36.13 -26.36 22.07
C ALA A 974 -37.31 -27.31 21.94
N GLU A 975 -38.52 -26.76 21.89
CA GLU A 975 -39.70 -27.57 21.58
C GLU A 975 -39.55 -28.25 20.24
N LYS A 976 -39.05 -27.53 19.25
CA LYS A 976 -38.94 -28.06 17.90
C LYS A 976 -37.72 -28.91 17.57
N LEU A 977 -36.58 -28.52 18.11
CA LEU A 977 -35.33 -29.23 17.87
C LEU A 977 -35.01 -30.31 18.90
N GLY A 978 -35.73 -30.33 20.02
CA GLY A 978 -35.70 -31.45 20.95
C GLY A 978 -34.93 -31.19 22.24
N ASN A 979 -33.97 -30.28 22.23
CA ASN A 979 -33.10 -30.11 23.39
C ASN A 979 -32.48 -28.72 23.38
N LYS A 980 -31.61 -28.48 24.36
CA LYS A 980 -31.00 -27.18 24.60
C LYS A 980 -29.63 -27.01 23.96
N GLU A 981 -29.06 -28.06 23.36
CA GLU A 981 -27.74 -27.99 22.77
C GLU A 981 -27.76 -27.99 21.24
N ALA A 982 -28.93 -28.09 20.62
CA ALA A 982 -29.02 -28.12 19.16
C ALA A 982 -28.88 -26.71 18.59
N VAL A 983 -28.24 -26.62 17.42
CA VAL A 983 -27.91 -25.33 16.84
C VAL A 983 -29.12 -24.74 16.14
N VAL A 984 -29.15 -23.41 16.10
CA VAL A 984 -30.20 -22.63 15.45
C VAL A 984 -29.50 -21.65 14.52
N TYR A 985 -29.97 -21.56 13.29
CA TYR A 985 -29.39 -20.67 12.30
C TYR A 985 -30.08 -19.31 12.41
N ILE A 986 -29.29 -18.28 12.67
CA ILE A 986 -29.82 -16.94 12.90
C ILE A 986 -29.23 -16.02 11.84
N PRO A 987 -30.01 -15.15 11.20
CA PRO A 987 -29.41 -14.17 10.26
C PRO A 987 -28.83 -13.02 10.99
N VAL A 988 -27.50 -12.91 11.00
CA VAL A 988 -26.78 -11.81 11.63
C VAL A 988 -25.67 -11.33 10.70
N ARG A 989 -25.51 -10.02 10.64
CA ARG A 989 -24.45 -9.41 9.83
C ARG A 989 -23.08 -9.88 10.28
N GLY A 990 -22.23 -10.20 9.32
CA GLY A 990 -20.91 -10.73 9.65
C GLY A 990 -20.90 -12.15 10.12
N GLY A 991 -22.02 -12.86 10.02
CA GLY A 991 -22.05 -14.26 10.42
C GLY A 991 -21.16 -15.10 9.53
N ARG A 992 -20.66 -16.18 10.11
CA ARG A 992 -19.66 -17.02 9.44
C ARG A 992 -20.28 -18.16 8.64
N ILE A 993 -21.59 -18.16 8.42
CA ILE A 993 -22.27 -19.20 7.68
C ILE A 993 -23.05 -18.58 6.54
N TYR A 994 -22.93 -19.17 5.35
CA TYR A 994 -23.68 -18.74 4.17
C TYR A 994 -24.42 -19.94 3.62
N PHE A 995 -25.71 -19.76 3.33
CA PHE A 995 -26.52 -20.80 2.70
C PHE A 995 -26.36 -20.65 1.19
N ALA A 996 -25.48 -21.47 0.60
CA ALA A 996 -25.17 -21.36 -0.82
C ALA A 996 -26.02 -22.30 -1.66
N THR A 997 -26.35 -21.86 -2.88
CA THR A 997 -27.04 -22.75 -3.80
C THR A 997 -26.18 -23.96 -4.15
N HIS A 998 -24.88 -23.74 -4.35
CA HIS A 998 -23.97 -24.77 -4.82
C HIS A 998 -22.92 -25.10 -3.76
N LYS A 999 -22.27 -26.24 -3.95
CA LYS A 999 -21.21 -26.69 -3.04
C LYS A 999 -19.91 -25.97 -3.42
N VAL A 1000 -19.78 -24.75 -2.92
CA VAL A 1000 -18.71 -23.84 -3.30
C VAL A 1000 -17.75 -23.58 -2.14
N ALA A 1001 -17.70 -24.48 -1.16
CA ALA A 1001 -16.77 -24.33 -0.05
C ALA A 1001 -16.40 -25.70 0.46
N THR A 1002 -15.10 -25.95 0.62
CA THR A 1002 -14.63 -27.24 1.10
C THR A 1002 -15.25 -27.55 2.46
N GLY A 1003 -15.83 -28.74 2.58
CA GLY A 1003 -16.48 -29.15 3.81
C GLY A 1003 -17.93 -28.76 3.96
N ALA A 1004 -18.54 -28.16 2.93
CA ALA A 1004 -19.96 -27.83 3.00
C ALA A 1004 -20.80 -29.10 3.03
N VAL A 1005 -21.91 -29.03 3.75
CA VAL A 1005 -22.90 -30.11 3.80
C VAL A 1005 -24.26 -29.50 3.46
N SER A 1006 -25.08 -30.27 2.74
CA SER A 1006 -26.36 -29.78 2.25
C SER A 1006 -27.47 -30.12 3.24
N ILE A 1007 -28.30 -29.12 3.54
CA ILE A 1007 -29.47 -29.26 4.38
C ILE A 1007 -30.67 -28.71 3.61
N VAL A 1008 -31.84 -28.82 4.21
CA VAL A 1008 -33.05 -28.20 3.69
C VAL A 1008 -33.53 -27.17 4.70
N PHE A 1009 -33.58 -25.91 4.27
CA PHE A 1009 -33.96 -24.77 5.10
C PHE A 1009 -35.01 -23.96 4.34
N ASP A 1010 -36.14 -23.70 5.00
CA ASP A 1010 -37.29 -23.01 4.42
C ASP A 1010 -37.62 -23.60 3.05
N GLN A 1011 -37.73 -24.92 3.09
CA GLN A 1011 -38.06 -25.83 2.01
C GLN A 1011 -37.12 -25.58 0.84
N LYS A 1012 -35.85 -25.36 1.13
CA LYS A 1012 -34.86 -25.10 0.08
C LYS A 1012 -33.62 -25.90 0.38
N GLN A 1013 -33.17 -26.69 -0.59
CA GLN A 1013 -31.89 -27.36 -0.45
C GLN A 1013 -30.79 -26.30 -0.55
N VAL A 1014 -29.83 -26.35 0.37
CA VAL A 1014 -28.82 -25.32 0.41
C VAL A 1014 -27.60 -25.89 1.13
N TRP A 1015 -26.41 -25.48 0.71
CA TRP A 1015 -25.16 -25.95 1.30
C TRP A 1015 -24.74 -24.98 2.39
N VAL A 1016 -24.55 -25.49 3.60
CA VAL A 1016 -24.09 -24.69 4.74
C VAL A 1016 -22.59 -24.49 4.57
N CYS A 1017 -22.18 -23.29 4.16
CA CYS A 1017 -20.80 -23.01 3.80
C CYS A 1017 -20.19 -22.01 4.77
N ASN A 1018 -18.86 -22.07 4.88
CA ASN A 1018 -18.12 -21.01 5.53
C ASN A 1018 -18.31 -19.71 4.75
N ALA A 1019 -18.81 -18.68 5.43
CA ALA A 1019 -19.17 -17.44 4.74
C ALA A 1019 -17.97 -16.79 4.09
N ASP A 1020 -16.80 -16.85 4.74
CA ASP A 1020 -15.62 -16.23 4.15
C ASP A 1020 -15.10 -17.03 2.97
N HIS A 1021 -15.27 -18.35 2.96
CA HIS A 1021 -14.94 -19.12 1.78
C HIS A 1021 -15.87 -18.76 0.62
N VAL A 1022 -17.15 -18.50 0.92
CA VAL A 1022 -18.08 -18.00 -0.08
C VAL A 1022 -17.60 -16.65 -0.62
N ALA A 1023 -17.16 -15.76 0.28
CA ALA A 1023 -16.67 -14.46 -0.15
C ALA A 1023 -15.45 -14.60 -1.05
N ALA A 1024 -14.53 -15.50 -0.70
CA ALA A 1024 -13.36 -15.73 -1.54
C ALA A 1024 -13.77 -16.26 -2.90
N ALA A 1025 -14.78 -17.14 -2.95
CA ALA A 1025 -15.28 -17.61 -4.24
C ALA A 1025 -15.88 -16.46 -5.04
N ASN A 1026 -16.65 -15.59 -4.39
CA ASN A 1026 -17.22 -14.43 -5.08
C ASN A 1026 -16.12 -13.55 -5.65
N ILE A 1027 -15.06 -13.30 -4.87
CA ILE A 1027 -13.95 -12.49 -5.34
C ILE A 1027 -13.26 -13.15 -6.52
N ALA A 1028 -13.06 -14.48 -6.45
CA ALA A 1028 -12.42 -15.19 -7.54
C ALA A 1028 -13.26 -15.13 -8.81
N LEU A 1029 -14.57 -15.11 -8.69
CA LEU A 1029 -15.43 -15.11 -9.87
C LEU A 1029 -15.62 -13.73 -10.49
N THR A 1030 -15.13 -12.67 -9.84
CA THR A 1030 -15.30 -11.32 -10.35
C THR A 1030 -14.33 -11.04 -11.49
N VAL A 1031 -14.84 -10.40 -12.55
CA VAL A 1031 -14.00 -9.97 -13.66
C VAL A 1031 -13.88 -8.46 -13.75
N LYS A 1032 -14.82 -7.72 -13.16
CA LYS A 1032 -14.88 -6.28 -13.38
C LYS A 1032 -13.68 -5.60 -12.72
N GLY A 1033 -13.11 -4.63 -13.43
CA GLY A 1033 -12.05 -3.84 -12.85
C GLY A 1033 -12.54 -2.96 -11.72
N ILE A 1034 -11.60 -2.56 -10.88
CA ILE A 1034 -11.93 -1.67 -9.79
C ILE A 1034 -11.83 -0.23 -10.28
MG MG F . -15.00 -12.04 4.99
MG MG G . -14.36 -9.38 2.16
C1 EDO H . 23.94 10.56 0.98
O1 EDO H . 24.79 11.05 -0.06
C2 EDO H . 23.25 9.28 0.51
O2 EDO H . 22.28 8.88 1.49
MG MG I . 9.99 -13.13 22.41
#